data_3EHM
#
_entry.id   3EHM
#
_cell.length_a   60.283
_cell.length_b   102.230
_cell.length_c   175.750
_cell.angle_alpha   90.000
_cell.angle_beta   90.000
_cell.angle_gamma   90.000
#
_symmetry.space_group_name_H-M   'P 21 21 21'
#
loop_
_entity.id
_entity.type
_entity.pdbx_description
1 polymer 'SusD homolog'
2 non-polymer 1,2-ETHANEDIOL
3 water water
#
_entity_poly.entity_id   1
_entity_poly.type   'polypeptide(L)'
_entity_poly.pdbx_seq_one_letter_code
;(MSE)ASDYEAVNTNPYGVSDGELGPLKYGARF(MSE)N(MSE)QQRVIPIGSPSLTTGPGNDLQNTDLISSGNYIGYFG
NNNNWGFNNEANWNFTDSR(MSE)NYAYQNFYSQIFLPWNEIYEIAKDSDSPSEQAILEIANIVRNIAWLRATDVFGPIA
YNSAGDGSIAPKFDSQEVVYRS(MSE)LADLSKSVELLNTISYSV(MSE)AQYDLIYNGNVQNWVKLANSL(MSE)LRIV
VRVHFIDETLAKEYITKALDPKNGGVIEDISSEAKIKSSDK(MSE)PLLNS(MSE)LASVNEYNETR(MSE)GATIWGYL
DGYKDPRLSAYFTEGTYGSGSWAQTGYFPVAPTNSKSKSETSYSAKFASRPKVDSNSPLYWFRASETYFLKAEAALYNLI
GGDPKTFYEQGINISFQEQGVSGVATYLSGTGKPTGLTGSNYKYGTYNHDLSIGNTSPKWDDYTGNLSKQEEQLQKIITQ
KYLALYPNAVEAWTEYRRTGFPYL(MSE)KP(MSE)DEAAPGRIGASIEDCRVPERFRFAPTAYNSNPN(MSE)AEIPTL
LGGGDIGATKLWWVRSNRPKQPNQ
;
_entity_poly.pdbx_strand_id   A,B
#
loop_
_chem_comp.id
_chem_comp.type
_chem_comp.name
_chem_comp.formula
EDO non-polymer 1,2-ETHANEDIOL 'C2 H6 O2'
#
# COMPACT_ATOMS: atom_id res chain seq x y z
N PRO A 22 35.40 11.81 11.05
CA PRO A 22 35.60 10.34 11.05
C PRO A 22 36.82 9.93 10.23
N LEU A 23 37.94 10.60 10.47
CA LEU A 23 39.17 10.30 9.76
C LEU A 23 39.64 8.86 9.96
N LYS A 24 39.44 8.32 11.15
CA LYS A 24 39.87 6.96 11.44
C LYS A 24 39.10 5.88 10.70
N TYR A 25 37.91 6.21 10.18
CA TYR A 25 37.08 5.24 9.47
C TYR A 25 37.12 5.36 7.94
N GLY A 26 37.43 6.56 7.46
CA GLY A 26 37.47 6.84 6.04
C GLY A 26 38.11 5.88 5.05
N ALA A 27 39.42 5.68 5.16
CA ALA A 27 40.13 4.79 4.26
C ALA A 27 39.57 3.38 4.30
N ARG A 28 39.29 2.89 5.51
CA ARG A 28 38.74 1.56 5.69
C ARG A 28 37.39 1.41 5.02
N PHE A 29 36.53 2.42 5.20
CA PHE A 29 35.19 2.39 4.61
C PHE A 29 35.23 2.43 3.08
N MSE A 30 36.15 3.22 2.52
CA MSE A 30 36.24 3.29 1.07
C MSE A 30 36.77 1.99 0.50
O MSE A 30 36.38 1.58 -0.60
CB MSE A 30 37.10 4.49 0.63
CG MSE A 30 36.43 5.82 0.92
SE MSE A 30 37.17 7.29 -0.12
CE MSE A 30 38.91 7.37 0.74
N ASN A 31 37.65 1.33 1.24
CA ASN A 31 38.20 0.04 0.81
C ASN A 31 37.05 -0.94 0.75
N MSE A 32 36.21 -0.93 1.79
CA MSE A 32 35.06 -1.82 1.85
C MSE A 32 34.15 -1.65 0.64
O MSE A 32 33.75 -2.64 0.01
CB MSE A 32 34.22 -1.54 3.11
CG MSE A 32 34.80 -2.10 4.40
SE MSE A 32 33.51 -1.94 5.85
CE MSE A 32 32.25 -3.28 5.24
N GLN A 33 33.81 -0.41 0.31
CA GLN A 33 32.93 -0.13 -0.81
C GLN A 33 33.47 -0.64 -2.15
N GLN A 34 34.78 -0.55 -2.33
CA GLN A 34 35.39 -1.01 -3.57
C GLN A 34 35.48 -2.53 -3.63
N ARG A 35 35.23 -3.18 -2.49
CA ARG A 35 35.31 -4.64 -2.41
C ARG A 35 34.00 -5.41 -2.62
N VAL A 36 32.87 -4.76 -2.35
CA VAL A 36 31.57 -5.41 -2.51
C VAL A 36 31.53 -6.12 -3.87
N ILE A 37 31.85 -5.37 -4.91
CA ILE A 37 31.96 -5.87 -6.27
C ILE A 37 33.28 -5.22 -6.68
N PRO A 38 34.32 -6.04 -6.89
CA PRO A 38 35.68 -5.62 -7.26
C PRO A 38 35.84 -4.47 -8.25
N ILE A 39 36.44 -3.39 -7.78
CA ILE A 39 36.73 -2.22 -8.59
C ILE A 39 37.79 -1.41 -7.86
N GLY A 40 38.61 -0.68 -8.59
CA GLY A 40 39.66 0.08 -7.93
C GLY A 40 40.19 1.26 -8.71
N SER A 41 41.14 1.95 -8.09
CA SER A 41 41.79 3.11 -8.67
C SER A 41 42.43 2.81 -10.01
N PRO A 42 42.41 3.79 -10.94
CA PRO A 42 43.01 3.56 -12.26
C PRO A 42 44.48 3.18 -12.11
N SER A 43 45.12 3.65 -11.06
CA SER A 43 46.54 3.37 -10.82
C SER A 43 46.82 1.89 -10.56
N LEU A 44 45.80 1.11 -10.22
CA LEU A 44 46.00 -0.31 -9.97
C LEU A 44 45.79 -1.13 -11.24
N THR A 45 45.69 -0.42 -12.36
CA THR A 45 45.49 -1.03 -13.68
C THR A 45 44.52 -2.21 -13.75
N THR A 46 45.02 -3.39 -14.14
CA THR A 46 44.18 -4.57 -14.29
C THR A 46 43.88 -5.39 -13.03
N GLY A 47 44.47 -5.02 -11.90
CA GLY A 47 44.23 -5.77 -10.67
C GLY A 47 42.77 -6.03 -10.34
N PRO A 48 41.99 -4.98 -10.06
CA PRO A 48 40.57 -5.17 -9.73
C PRO A 48 39.83 -5.91 -10.83
N GLY A 49 40.28 -5.72 -12.07
CA GLY A 49 39.66 -6.39 -13.20
C GLY A 49 39.86 -7.89 -13.17
N ASN A 50 41.02 -8.34 -12.71
CA ASN A 50 41.26 -9.77 -12.61
C ASN A 50 40.28 -10.31 -11.55
N ASP A 51 40.07 -9.53 -10.49
CA ASP A 51 39.16 -9.96 -9.44
C ASP A 51 37.72 -10.06 -9.95
N LEU A 52 37.28 -9.08 -10.72
CA LEU A 52 35.91 -9.08 -11.26
C LEU A 52 35.70 -10.26 -12.21
N GLN A 53 36.76 -10.69 -12.87
CA GLN A 53 36.66 -11.84 -13.77
C GLN A 53 36.23 -13.05 -12.95
N ASN A 54 36.90 -13.20 -11.81
CA ASN A 54 36.67 -14.31 -10.88
C ASN A 54 35.27 -14.31 -10.28
N THR A 55 34.76 -13.14 -9.94
CA THR A 55 33.45 -13.04 -9.31
C THR A 55 32.27 -12.90 -10.28
N ASP A 56 32.44 -12.09 -11.31
CA ASP A 56 31.35 -11.80 -12.24
C ASP A 56 31.48 -12.17 -13.72
N LEU A 57 32.59 -11.79 -14.34
CA LEU A 57 32.75 -11.96 -15.77
C LEU A 57 32.95 -13.34 -16.41
N ILE A 58 33.93 -14.11 -15.96
CA ILE A 58 34.16 -15.41 -16.60
C ILE A 58 33.48 -16.56 -15.86
N SER A 59 32.94 -16.27 -14.69
CA SER A 59 32.24 -17.29 -13.91
C SER A 59 30.73 -17.10 -13.98
N SER A 60 30.14 -16.55 -12.91
CA SER A 60 28.71 -16.33 -12.83
C SER A 60 28.06 -15.72 -14.08
N GLY A 61 28.62 -14.62 -14.57
CA GLY A 61 28.08 -13.98 -15.76
C GLY A 61 28.17 -14.85 -17.01
N ASN A 62 29.17 -15.72 -17.03
CA ASN A 62 29.37 -16.62 -18.14
C ASN A 62 28.37 -17.77 -18.06
N TYR A 63 28.19 -18.32 -16.85
CA TYR A 63 27.26 -19.42 -16.64
C TYR A 63 25.85 -19.08 -17.11
N ILE A 64 25.33 -17.93 -16.69
CA ILE A 64 23.97 -17.52 -17.04
C ILE A 64 23.82 -16.80 -18.37
N GLY A 65 24.91 -16.67 -19.12
CA GLY A 65 24.81 -16.06 -20.43
C GLY A 65 24.80 -14.55 -20.56
N TYR A 66 25.22 -13.83 -19.52
CA TYR A 66 25.32 -12.38 -19.62
C TYR A 66 26.53 -12.15 -20.52
N PHE A 67 27.55 -12.97 -20.32
CA PHE A 67 28.79 -12.88 -21.08
C PHE A 67 29.19 -14.21 -21.67
N GLY A 68 30.13 -14.15 -22.61
CA GLY A 68 30.68 -15.33 -23.25
C GLY A 68 32.18 -15.12 -23.22
N ASN A 69 32.95 -16.17 -22.95
CA ASN A 69 34.41 -16.04 -22.88
C ASN A 69 35.13 -16.36 -24.19
N ASN A 70 36.08 -15.50 -24.56
CA ASN A 70 36.88 -15.73 -25.76
C ASN A 70 38.14 -16.41 -25.25
N ASN A 71 37.95 -17.56 -24.60
CA ASN A 71 39.05 -18.33 -24.02
C ASN A 71 38.46 -19.52 -23.28
N ASN A 72 39.28 -20.54 -23.00
CA ASN A 72 38.81 -21.69 -22.24
C ASN A 72 39.83 -21.96 -21.13
N TRP A 73 40.90 -21.16 -21.12
CA TRP A 73 41.97 -21.28 -20.13
C TRP A 73 42.45 -22.72 -19.96
N GLY A 74 42.42 -23.48 -21.05
CA GLY A 74 42.85 -24.85 -21.00
C GLY A 74 42.05 -25.69 -20.02
N PHE A 75 40.83 -25.24 -19.74
CA PHE A 75 39.94 -25.93 -18.80
C PHE A 75 40.56 -26.01 -17.41
N ASN A 76 41.37 -25.02 -17.08
CA ASN A 76 42.04 -24.97 -15.78
C ASN A 76 41.43 -24.06 -14.72
N ASN A 77 40.30 -23.42 -15.00
CA ASN A 77 39.69 -22.57 -13.98
C ASN A 77 38.16 -22.61 -13.96
N GLU A 78 37.57 -21.75 -13.14
CA GLU A 78 36.11 -21.70 -12.96
C GLU A 78 35.28 -21.43 -14.21
N ALA A 79 35.89 -20.81 -15.23
CA ALA A 79 35.14 -20.51 -16.45
C ALA A 79 34.55 -21.79 -17.03
N ASN A 80 35.30 -22.89 -16.89
CA ASN A 80 34.83 -24.16 -17.40
C ASN A 80 34.53 -25.14 -16.27
N TRP A 81 34.14 -24.56 -15.14
CA TRP A 81 33.73 -25.28 -13.95
C TRP A 81 34.80 -26.11 -13.24
N ASN A 82 36.07 -25.78 -13.47
CA ASN A 82 37.15 -26.50 -12.80
C ASN A 82 37.52 -25.66 -11.59
N PHE A 83 36.90 -25.95 -10.45
CA PHE A 83 37.13 -25.19 -9.24
C PHE A 83 38.40 -25.58 -8.49
N THR A 84 39.53 -25.14 -9.03
CA THR A 84 40.84 -25.45 -8.44
C THR A 84 41.08 -24.77 -7.10
N ASP A 85 42.04 -25.30 -6.35
CA ASP A 85 42.39 -24.77 -5.05
C ASP A 85 42.74 -23.28 -5.13
N SER A 86 43.60 -22.92 -6.09
CA SER A 86 44.01 -21.54 -6.25
C SER A 86 42.87 -20.60 -6.61
N ARG A 87 42.01 -21.00 -7.54
CA ARG A 87 40.90 -20.15 -7.96
C ARG A 87 39.79 -20.02 -6.92
N MSE A 88 39.56 -21.08 -6.14
CA MSE A 88 38.52 -21.04 -5.11
C MSE A 88 39.02 -20.24 -3.90
O MSE A 88 38.24 -19.60 -3.21
CB MSE A 88 38.13 -22.47 -4.68
CG MSE A 88 37.31 -23.19 -5.73
SE MSE A 88 35.69 -22.21 -6.20
CE MSE A 88 36.32 -21.34 -7.83
N ASN A 89 40.31 -20.30 -3.66
CA ASN A 89 40.91 -19.53 -2.57
C ASN A 89 40.78 -18.06 -2.98
N TYR A 90 40.99 -17.83 -4.28
CA TYR A 90 40.90 -16.49 -4.85
C TYR A 90 39.47 -15.98 -4.71
N ALA A 91 38.50 -16.86 -4.98
CA ALA A 91 37.09 -16.52 -4.87
C ALA A 91 36.71 -16.18 -3.43
N TYR A 92 37.22 -16.97 -2.49
CA TYR A 92 36.93 -16.73 -1.08
C TYR A 92 37.43 -15.34 -0.71
N GLN A 93 38.56 -14.94 -1.27
CA GLN A 93 39.11 -13.62 -0.98
C GLN A 93 38.21 -12.53 -1.56
N ASN A 94 37.85 -12.69 -2.84
CA ASN A 94 37.02 -11.70 -3.53
C ASN A 94 35.58 -11.60 -3.05
N PHE A 95 35.05 -12.68 -2.49
CA PHE A 95 33.67 -12.66 -1.99
C PHE A 95 33.56 -12.47 -0.48
N TYR A 96 34.57 -12.87 0.27
CA TYR A 96 34.47 -12.76 1.73
C TYR A 96 35.62 -12.13 2.52
N SER A 97 36.83 -12.69 2.39
CA SER A 97 37.95 -12.20 3.19
C SER A 97 38.53 -10.81 2.91
N GLN A 98 38.54 -10.35 1.65
CA GLN A 98 39.09 -9.03 1.38
C GLN A 98 38.33 -7.94 2.11
N ILE A 99 37.01 -8.00 2.09
CA ILE A 99 36.21 -7.00 2.78
C ILE A 99 36.18 -7.23 4.29
N PHE A 100 36.45 -8.46 4.73
CA PHE A 100 36.48 -8.78 6.16
C PHE A 100 37.52 -7.93 6.88
N LEU A 101 38.68 -7.79 6.25
CA LEU A 101 39.80 -7.03 6.83
C LEU A 101 39.42 -5.64 7.31
N PRO A 102 39.05 -4.73 6.38
CA PRO A 102 38.69 -3.38 6.81
C PRO A 102 37.45 -3.34 7.71
N TRP A 103 36.49 -4.23 7.47
CA TRP A 103 35.29 -4.23 8.31
C TRP A 103 35.66 -4.55 9.74
N ASN A 104 36.50 -5.55 9.93
CA ASN A 104 36.92 -5.97 11.27
C ASN A 104 37.60 -4.86 12.04
N GLU A 105 38.40 -4.03 11.36
CA GLU A 105 39.08 -2.93 12.03
C GLU A 105 38.06 -1.87 12.45
N ILE A 106 37.07 -1.61 11.59
CA ILE A 106 36.04 -0.62 11.88
C ILE A 106 35.25 -1.12 13.09
N TYR A 107 34.91 -2.40 13.08
CA TYR A 107 34.17 -3.02 14.17
C TYR A 107 34.91 -2.87 15.48
N GLU A 108 36.19 -3.24 15.48
CA GLU A 108 37.00 -3.14 16.68
C GLU A 108 37.03 -1.72 17.24
N ILE A 109 37.09 -0.73 16.35
CA ILE A 109 37.14 0.66 16.76
C ILE A 109 35.81 1.26 17.24
N ALA A 110 34.72 0.86 16.61
CA ALA A 110 33.42 1.41 16.97
C ALA A 110 32.46 0.59 17.82
N LYS A 111 32.69 -0.71 17.93
CA LYS A 111 31.77 -1.58 18.67
C LYS A 111 31.36 -1.19 20.10
N ASP A 112 32.20 -0.44 20.80
CA ASP A 112 31.84 -0.04 22.17
C ASP A 112 31.75 1.47 22.32
N SER A 113 31.31 2.15 21.28
CA SER A 113 31.19 3.61 21.34
C SER A 113 29.80 4.04 21.80
N ASP A 114 29.76 5.08 22.62
CA ASP A 114 28.50 5.60 23.11
C ASP A 114 28.03 6.69 22.15
N SER A 115 28.95 7.12 21.28
CA SER A 115 28.66 8.16 20.29
C SER A 115 27.69 7.67 19.22
N PRO A 116 26.53 8.33 19.10
CA PRO A 116 25.54 7.92 18.09
C PRO A 116 26.07 7.98 16.66
N SER A 117 26.90 8.97 16.36
CA SER A 117 27.46 9.12 15.02
C SER A 117 28.39 7.95 14.70
N GLU A 118 29.11 7.46 15.72
CA GLU A 118 30.01 6.33 15.51
C GLU A 118 29.19 5.05 15.36
N GLN A 119 28.09 4.96 16.10
CA GLN A 119 27.21 3.80 16.00
C GLN A 119 26.65 3.72 14.59
N ALA A 120 26.32 4.90 14.04
CA ALA A 120 25.77 5.01 12.69
C ALA A 120 26.80 4.56 11.66
N ILE A 121 28.05 4.95 11.88
CA ILE A 121 29.13 4.57 10.98
C ILE A 121 29.23 3.05 10.93
N LEU A 122 29.22 2.43 12.10
CA LEU A 122 29.32 0.97 12.20
C LEU A 122 28.16 0.29 11.49
N GLU A 123 26.94 0.81 11.68
CA GLU A 123 25.78 0.21 11.03
C GLU A 123 25.82 0.36 9.51
N ILE A 124 26.36 1.48 9.04
CA ILE A 124 26.48 1.68 7.60
C ILE A 124 27.51 0.68 7.10
N ALA A 125 28.58 0.50 7.86
CA ALA A 125 29.63 -0.45 7.51
C ALA A 125 29.03 -1.86 7.50
N ASN A 126 28.10 -2.12 8.43
CA ASN A 126 27.46 -3.43 8.52
C ASN A 126 26.61 -3.70 7.27
N ILE A 127 25.95 -2.67 6.76
CA ILE A 127 25.12 -2.84 5.56
C ILE A 127 26.02 -3.20 4.37
N VAL A 128 27.11 -2.44 4.20
CA VAL A 128 28.04 -2.71 3.11
C VAL A 128 28.62 -4.12 3.25
N ARG A 129 28.95 -4.52 4.47
CA ARG A 129 29.50 -5.85 4.71
C ARG A 129 28.47 -6.91 4.32
N ASN A 130 27.23 -6.71 4.72
CA ASN A 130 26.17 -7.67 4.43
C ASN A 130 25.81 -7.78 2.95
N ILE A 131 25.93 -6.69 2.19
CA ILE A 131 25.64 -6.77 0.77
C ILE A 131 26.71 -7.67 0.14
N ALA A 132 27.93 -7.52 0.61
CA ALA A 132 29.04 -8.31 0.10
C ALA A 132 28.94 -9.77 0.52
N TRP A 133 28.63 -10.01 1.79
CA TRP A 133 28.53 -11.38 2.27
C TRP A 133 27.27 -12.11 1.84
N LEU A 134 26.30 -11.36 1.32
CA LEU A 134 25.09 -11.99 0.80
C LEU A 134 25.57 -12.72 -0.45
N ARG A 135 26.50 -12.10 -1.18
CA ARG A 135 27.06 -12.71 -2.38
C ARG A 135 27.88 -13.93 -1.96
N ALA A 136 28.65 -13.77 -0.89
CA ALA A 136 29.49 -14.86 -0.39
C ALA A 136 28.68 -16.12 -0.07
N THR A 137 27.64 -15.97 0.74
CA THR A 137 26.83 -17.13 1.08
C THR A 137 26.07 -17.66 -0.13
N ASP A 138 25.63 -16.77 -1.01
CA ASP A 138 24.90 -17.21 -2.20
C ASP A 138 25.81 -17.93 -3.18
N VAL A 139 27.12 -17.74 -3.03
CA VAL A 139 28.07 -18.39 -3.90
C VAL A 139 28.62 -19.69 -3.30
N PHE A 140 28.97 -19.67 -2.01
CA PHE A 140 29.52 -20.86 -1.34
C PHE A 140 28.53 -21.63 -0.45
N GLY A 141 27.55 -20.93 0.10
CA GLY A 141 26.60 -21.56 0.99
C GLY A 141 26.94 -21.15 2.42
N PRO A 142 27.53 -22.05 3.24
CA PRO A 142 27.90 -21.73 4.62
C PRO A 142 29.07 -20.76 4.65
N ILE A 143 29.03 -19.81 5.58
CA ILE A 143 30.12 -18.84 5.73
C ILE A 143 30.25 -18.47 7.20
N ALA A 144 31.40 -17.92 7.58
CA ALA A 144 31.63 -17.50 8.96
C ALA A 144 30.97 -16.14 9.14
N TYR A 145 29.68 -16.15 9.46
CA TYR A 145 28.92 -14.91 9.61
C TYR A 145 28.85 -14.40 11.04
N ASN A 146 28.23 -15.17 11.93
CA ASN A 146 28.09 -14.74 13.32
C ASN A 146 29.40 -14.69 14.10
N SER A 147 30.38 -15.49 13.69
CA SER A 147 31.67 -15.52 14.37
C SER A 147 32.56 -14.35 13.94
N ALA A 148 32.17 -13.67 12.86
CA ALA A 148 32.92 -12.54 12.34
C ALA A 148 33.21 -11.49 13.41
N GLY A 149 34.48 -11.20 13.61
CA GLY A 149 34.87 -10.22 14.60
C GLY A 149 35.28 -10.80 15.94
N ASP A 150 35.13 -12.11 16.12
CA ASP A 150 35.50 -12.74 17.39
C ASP A 150 37.01 -12.93 17.54
N GLY A 151 37.77 -12.45 16.56
CA GLY A 151 39.21 -12.58 16.60
C GLY A 151 39.75 -14.00 16.65
N SER A 152 38.94 -14.95 16.22
CA SER A 152 39.32 -16.35 16.23
C SER A 152 40.25 -16.73 15.08
N ILE A 153 41.23 -17.59 15.39
CA ILE A 153 42.20 -18.06 14.41
C ILE A 153 41.55 -19.18 13.59
N ALA A 154 40.45 -19.73 14.10
CA ALA A 154 39.73 -20.81 13.43
C ALA A 154 38.23 -20.51 13.41
N PRO A 155 37.81 -19.54 12.58
CA PRO A 155 36.42 -19.11 12.43
C PRO A 155 35.39 -20.24 12.30
N LYS A 156 34.31 -20.13 13.06
CA LYS A 156 33.22 -21.11 13.03
C LYS A 156 32.28 -20.70 11.90
N PHE A 157 31.83 -21.67 11.10
CA PHE A 157 30.92 -21.39 10.00
C PHE A 157 29.45 -21.61 10.40
N ASP A 158 28.56 -20.87 9.76
CA ASP A 158 27.13 -20.96 10.00
C ASP A 158 26.47 -21.65 8.81
N SER A 159 25.40 -22.39 9.05
CA SER A 159 24.69 -23.03 7.94
C SER A 159 24.10 -21.86 7.16
N GLN A 160 23.85 -22.05 5.87
CA GLN A 160 23.30 -20.96 5.07
C GLN A 160 21.98 -20.44 5.64
N GLU A 161 21.15 -21.34 6.18
CA GLU A 161 19.88 -20.92 6.76
C GLU A 161 20.12 -19.97 7.93
N VAL A 162 21.14 -20.27 8.73
CA VAL A 162 21.44 -19.42 9.89
C VAL A 162 22.01 -18.07 9.43
N VAL A 163 22.77 -18.08 8.34
CA VAL A 163 23.32 -16.84 7.80
C VAL A 163 22.18 -15.93 7.40
N TYR A 164 21.20 -16.49 6.70
CA TYR A 164 20.05 -15.71 6.27
C TYR A 164 19.23 -15.18 7.45
N ARG A 165 18.91 -16.05 8.40
CA ARG A 165 18.14 -15.62 9.57
C ARG A 165 18.86 -14.51 10.32
N SER A 166 20.17 -14.67 10.47
CA SER A 166 20.99 -13.71 11.19
C SER A 166 21.16 -12.38 10.45
N MSE A 167 21.30 -12.43 9.13
CA MSE A 167 21.45 -11.22 8.36
C MSE A 167 20.19 -10.36 8.37
O MSE A 167 20.27 -9.13 8.41
CB MSE A 167 21.84 -11.54 6.91
CG MSE A 167 22.34 -10.32 6.15
SE MSE A 167 22.87 -10.75 4.35
CE MSE A 167 24.24 -12.06 4.72
N LEU A 168 19.03 -11.00 8.32
CA LEU A 168 17.77 -10.27 8.35
C LEU A 168 17.64 -9.52 9.68
N ALA A 169 18.00 -10.19 10.77
CA ALA A 169 17.93 -9.56 12.08
C ALA A 169 18.91 -8.41 12.16
N ASP A 170 20.11 -8.61 11.61
CA ASP A 170 21.13 -7.56 11.62
C ASP A 170 20.71 -6.36 10.78
N LEU A 171 20.06 -6.61 9.65
CA LEU A 171 19.61 -5.52 8.79
C LEU A 171 18.55 -4.68 9.51
N SER A 172 17.64 -5.34 10.20
CA SER A 172 16.61 -4.61 10.94
C SER A 172 17.24 -3.78 12.04
N LYS A 173 18.31 -4.29 12.64
CA LYS A 173 19.01 -3.55 13.68
C LYS A 173 19.62 -2.29 13.11
N SER A 174 20.26 -2.41 11.95
CA SER A 174 20.87 -1.26 11.29
C SER A 174 19.83 -0.20 10.98
N VAL A 175 18.70 -0.64 10.41
CA VAL A 175 17.61 0.26 10.05
C VAL A 175 17.05 0.98 11.28
N GLU A 176 16.80 0.23 12.34
CA GLU A 176 16.27 0.82 13.56
C GLU A 176 17.14 1.97 14.06
N LEU A 177 18.45 1.77 14.04
CA LEU A 177 19.36 2.79 14.51
C LEU A 177 19.49 3.96 13.55
N LEU A 178 19.70 3.66 12.27
CA LEU A 178 19.87 4.69 11.26
C LEU A 178 18.62 5.54 11.05
N ASN A 179 17.46 4.98 11.39
CA ASN A 179 16.21 5.72 11.25
C ASN A 179 16.11 6.87 12.26
N THR A 180 17.03 6.90 13.22
CA THR A 180 17.02 7.96 14.22
C THR A 180 18.07 9.02 13.91
N ILE A 181 18.84 8.78 12.86
CA ILE A 181 19.89 9.70 12.44
C ILE A 181 19.33 10.56 11.31
N SER A 182 19.32 11.88 11.52
CA SER A 182 18.80 12.80 10.52
C SER A 182 19.86 13.65 9.84
N TYR A 183 21.10 13.56 10.31
CA TYR A 183 22.19 14.33 9.72
C TYR A 183 23.07 13.45 8.83
N SER A 184 23.96 14.07 8.06
CA SER A 184 24.84 13.35 7.17
C SER A 184 25.93 12.59 7.93
N VAL A 185 26.34 11.44 7.40
CA VAL A 185 27.35 10.62 8.03
C VAL A 185 28.42 10.20 7.04
N MSE A 186 29.68 10.54 7.34
CA MSE A 186 30.81 10.21 6.48
C MSE A 186 30.64 10.58 5.01
O MSE A 186 31.08 9.84 4.12
CB MSE A 186 31.11 8.71 6.56
CG MSE A 186 31.92 8.27 7.76
SE MSE A 186 32.50 6.46 7.48
CE MSE A 186 30.75 5.61 7.34
N ALA A 187 30.03 11.73 4.74
CA ALA A 187 29.81 12.15 3.36
C ALA A 187 31.07 12.11 2.49
N GLN A 188 32.18 12.59 3.03
CA GLN A 188 33.44 12.63 2.29
C GLN A 188 33.94 11.26 1.84
N TYR A 189 33.60 10.22 2.59
CA TYR A 189 34.06 8.88 2.25
C TYR A 189 32.96 7.95 1.73
N ASP A 190 31.76 8.50 1.58
CA ASP A 190 30.61 7.72 1.11
C ASP A 190 30.51 7.78 -0.41
N LEU A 191 31.03 6.76 -1.07
CA LEU A 191 31.02 6.72 -2.53
C LEU A 191 29.66 6.33 -3.11
N ILE A 192 28.72 5.93 -2.25
CA ILE A 192 27.41 5.51 -2.73
C ILE A 192 26.32 6.58 -2.60
N TYR A 193 26.14 7.12 -1.40
CA TYR A 193 25.09 8.10 -1.16
C TYR A 193 25.48 9.48 -0.63
N ASN A 194 26.76 9.82 -0.71
CA ASN A 194 27.21 11.14 -0.23
C ASN A 194 26.75 11.46 1.20
N GLY A 195 26.77 10.46 2.06
CA GLY A 195 26.37 10.68 3.45
C GLY A 195 24.90 10.73 3.79
N ASN A 196 24.03 10.53 2.80
CA ASN A 196 22.59 10.55 3.04
C ASN A 196 22.15 9.25 3.71
N VAL A 197 21.99 9.29 5.03
CA VAL A 197 21.60 8.11 5.80
C VAL A 197 20.24 7.52 5.38
N GLN A 198 19.31 8.38 4.99
CA GLN A 198 17.98 7.92 4.56
C GLN A 198 18.10 6.97 3.38
N ASN A 199 19.03 7.23 2.48
CA ASN A 199 19.22 6.35 1.34
C ASN A 199 19.85 5.04 1.81
N TRP A 200 20.76 5.11 2.77
CA TRP A 200 21.38 3.89 3.29
C TRP A 200 20.30 3.00 3.89
N VAL A 201 19.30 3.62 4.51
CA VAL A 201 18.21 2.86 5.10
C VAL A 201 17.41 2.18 4.00
N LYS A 202 17.15 2.90 2.93
CA LYS A 202 16.40 2.33 1.81
C LYS A 202 17.16 1.15 1.22
N LEU A 203 18.49 1.27 1.14
CA LEU A 203 19.28 0.18 0.61
C LEU A 203 19.18 -1.02 1.53
N ALA A 204 19.22 -0.77 2.84
CA ALA A 204 19.11 -1.84 3.83
C ALA A 204 17.77 -2.58 3.72
N ASN A 205 16.69 -1.83 3.59
CA ASN A 205 15.36 -2.43 3.47
C ASN A 205 15.18 -3.14 2.14
N SER A 206 15.86 -2.65 1.10
CA SER A 206 15.76 -3.25 -0.21
C SER A 206 16.46 -4.61 -0.17
N LEU A 207 17.57 -4.66 0.55
CA LEU A 207 18.33 -5.90 0.69
C LEU A 207 17.47 -6.88 1.50
N MSE A 208 16.76 -6.34 2.50
CA MSE A 208 15.89 -7.14 3.35
C MSE A 208 14.81 -7.75 2.45
O MSE A 208 14.47 -8.94 2.57
CB MSE A 208 15.25 -6.25 4.41
CG MSE A 208 14.45 -6.99 5.48
SE MSE A 208 13.63 -5.75 6.76
CE MSE A 208 15.25 -4.91 7.39
N LEU A 209 14.25 -6.93 1.56
CA LEU A 209 13.22 -7.39 0.63
C LEU A 209 13.75 -8.49 -0.28
N ARG A 210 14.94 -8.28 -0.83
CA ARG A 210 15.55 -9.28 -1.72
C ARG A 210 15.72 -10.59 -0.98
N ILE A 211 16.21 -10.49 0.25
CA ILE A 211 16.44 -11.68 1.08
C ILE A 211 15.14 -12.41 1.43
N VAL A 212 14.10 -11.66 1.77
CA VAL A 212 12.82 -12.29 2.12
C VAL A 212 12.23 -13.04 0.94
N VAL A 213 12.34 -12.45 -0.25
CA VAL A 213 11.83 -13.11 -1.44
C VAL A 213 12.70 -14.34 -1.71
N ARG A 214 13.99 -14.25 -1.43
CA ARG A 214 14.90 -15.37 -1.65
C ARG A 214 14.52 -16.60 -0.81
N VAL A 215 13.96 -16.37 0.37
CA VAL A 215 13.60 -17.49 1.25
C VAL A 215 12.14 -17.92 1.26
N HIS A 216 11.25 -17.15 0.65
CA HIS A 216 9.83 -17.51 0.69
C HIS A 216 9.46 -18.92 0.25
N PHE A 217 10.16 -19.49 -0.72
CA PHE A 217 9.85 -20.85 -1.16
C PHE A 217 10.27 -21.90 -0.13
N ILE A 218 11.43 -21.71 0.48
CA ILE A 218 11.94 -22.65 1.47
C ILE A 218 11.41 -22.39 2.87
N ASP A 219 11.23 -21.11 3.21
CA ASP A 219 10.73 -20.74 4.53
C ASP A 219 9.83 -19.51 4.44
N GLU A 220 8.57 -19.74 4.08
CA GLU A 220 7.60 -18.65 3.96
C GLU A 220 7.42 -17.87 5.27
N THR A 221 7.50 -18.57 6.39
CA THR A 221 7.34 -17.93 7.69
C THR A 221 8.42 -16.85 7.90
N LEU A 222 9.67 -17.20 7.63
CA LEU A 222 10.76 -16.25 7.77
C LEU A 222 10.56 -15.09 6.80
N ALA A 223 10.11 -15.39 5.59
CA ALA A 223 9.87 -14.36 4.59
C ALA A 223 8.86 -13.36 5.13
N LYS A 224 7.77 -13.87 5.67
CA LYS A 224 6.72 -13.02 6.23
C LYS A 224 7.17 -12.29 7.49
N GLU A 225 8.17 -12.82 8.18
CA GLU A 225 8.66 -12.19 9.40
C GLU A 225 9.36 -10.86 9.11
N TYR A 226 9.81 -10.65 7.87
CA TYR A 226 10.51 -9.43 7.53
C TYR A 226 10.08 -8.63 6.30
N ILE A 227 9.40 -9.28 5.37
CA ILE A 227 8.98 -8.58 4.15
C ILE A 227 8.06 -7.40 4.44
N THR A 228 7.19 -7.55 5.42
CA THR A 228 6.28 -6.47 5.79
C THR A 228 7.07 -5.32 6.41
N LYS A 229 8.04 -5.63 7.25
CA LYS A 229 8.85 -4.59 7.89
C LYS A 229 9.70 -3.85 6.86
N ALA A 230 10.15 -4.56 5.84
CA ALA A 230 10.97 -3.95 4.80
C ALA A 230 10.22 -2.90 4.01
N LEU A 231 8.96 -3.18 3.70
CA LEU A 231 8.15 -2.26 2.92
C LEU A 231 7.33 -1.25 3.73
N ASP A 232 7.30 -1.43 5.06
CA ASP A 232 6.56 -0.53 5.93
C ASP A 232 7.16 0.87 5.87
N PRO A 233 6.42 1.85 5.33
CA PRO A 233 6.87 3.24 5.21
C PRO A 233 7.53 3.83 6.45
N LYS A 234 7.03 3.47 7.63
CA LYS A 234 7.58 4.00 8.87
C LYS A 234 9.04 3.57 9.07
N ASN A 235 9.47 2.52 8.38
CA ASN A 235 10.84 2.03 8.52
C ASN A 235 11.83 2.63 7.51
N GLY A 236 11.39 3.60 6.72
CA GLY A 236 12.31 4.24 5.78
C GLY A 236 12.07 4.00 4.30
N GLY A 237 11.34 2.95 3.96
CA GLY A 237 11.07 2.66 2.57
C GLY A 237 12.19 1.93 1.86
N VAL A 238 11.96 1.54 0.61
CA VAL A 238 12.95 0.83 -0.19
C VAL A 238 13.33 1.69 -1.40
N ILE A 239 14.25 1.18 -2.22
CA ILE A 239 14.68 1.90 -3.42
C ILE A 239 13.63 1.77 -4.51
N GLU A 240 12.87 2.84 -4.76
CA GLU A 240 11.83 2.82 -5.77
C GLU A 240 12.05 3.86 -6.86
N ASP A 241 13.04 4.72 -6.66
CA ASP A 241 13.35 5.77 -7.61
C ASP A 241 14.80 5.59 -8.05
N ILE A 242 15.09 5.91 -9.30
CA ILE A 242 16.46 5.76 -9.80
C ILE A 242 17.43 6.60 -8.97
N SER A 243 16.95 7.73 -8.47
CA SER A 243 17.78 8.63 -7.67
C SER A 243 18.25 7.98 -6.36
N SER A 244 17.62 6.88 -5.95
CA SER A 244 18.00 6.20 -4.72
C SER A 244 18.81 4.93 -4.97
N GLU A 245 19.08 4.62 -6.24
CA GLU A 245 19.84 3.42 -6.57
C GLU A 245 21.23 3.44 -5.94
N ALA A 246 21.75 2.26 -5.62
CA ALA A 246 23.07 2.16 -5.02
C ALA A 246 24.07 1.72 -6.09
N LYS A 247 24.98 2.62 -6.45
CA LYS A 247 25.99 2.29 -7.43
C LYS A 247 27.30 2.98 -7.08
N ILE A 248 28.40 2.46 -7.61
CA ILE A 248 29.70 3.03 -7.34
C ILE A 248 30.38 3.33 -8.67
N LYS A 249 30.99 4.51 -8.75
CA LYS A 249 31.69 4.90 -9.98
C LYS A 249 32.73 5.95 -9.62
N SER A 250 33.63 6.24 -10.56
CA SER A 250 34.69 7.20 -10.33
C SER A 250 34.14 8.56 -9.91
N SER A 251 34.80 9.17 -8.92
CA SER A 251 34.42 10.47 -8.40
C SER A 251 35.68 11.15 -7.86
N ASP A 252 35.52 12.37 -7.36
CA ASP A 252 36.67 13.11 -6.82
C ASP A 252 37.10 12.50 -5.48
N LYS A 253 36.15 11.89 -4.78
CA LYS A 253 36.42 11.24 -3.49
C LYS A 253 37.34 10.05 -3.68
N MSE A 254 37.19 9.38 -4.81
CA MSE A 254 37.99 8.21 -5.11
C MSE A 254 37.93 7.88 -6.60
O MSE A 254 36.96 7.29 -7.06
CB MSE A 254 37.49 7.00 -4.29
CG MSE A 254 38.20 5.68 -4.58
SE MSE A 254 40.11 5.69 -4.21
CE MSE A 254 40.04 6.01 -2.31
N PRO A 255 38.95 8.28 -7.36
CA PRO A 255 38.92 7.98 -8.80
C PRO A 255 38.91 6.46 -8.97
N LEU A 256 38.15 5.98 -9.93
CA LEU A 256 38.06 4.55 -10.20
C LEU A 256 38.08 4.22 -11.68
N LEU A 257 38.55 3.03 -12.00
CA LEU A 257 38.59 2.53 -13.37
C LEU A 257 37.61 1.37 -13.40
N ASN A 258 36.53 1.48 -14.19
CA ASN A 258 35.58 0.39 -14.23
C ASN A 258 36.37 -0.91 -14.46
N SER A 259 36.14 -1.89 -13.59
CA SER A 259 36.85 -3.15 -13.64
C SER A 259 36.49 -4.15 -14.74
N MSE A 260 35.51 -3.81 -15.58
CA MSE A 260 35.14 -4.69 -16.68
C MSE A 260 36.07 -4.43 -17.86
O MSE A 260 36.19 -5.26 -18.76
CB MSE A 260 33.71 -4.44 -17.14
CG MSE A 260 32.63 -4.79 -16.15
SE MSE A 260 30.89 -4.43 -16.96
CE MSE A 260 30.94 -5.80 -18.32
N LEU A 261 36.74 -3.29 -17.87
CA LEU A 261 37.61 -2.94 -18.97
C LEU A 261 38.77 -3.90 -19.24
N ALA A 262 39.45 -4.33 -18.19
CA ALA A 262 40.58 -5.26 -18.35
C ALA A 262 40.17 -6.48 -19.17
N SER A 263 39.11 -7.17 -18.77
CA SER A 263 38.68 -8.36 -19.50
C SER A 263 38.05 -8.08 -20.85
N VAL A 264 37.33 -6.97 -20.98
CA VAL A 264 36.68 -6.64 -22.24
C VAL A 264 37.65 -6.11 -23.30
N ASN A 265 38.48 -5.14 -22.92
CA ASN A 265 39.41 -4.54 -23.88
C ASN A 265 40.88 -4.95 -23.81
N GLU A 266 41.40 -5.14 -22.60
CA GLU A 266 42.80 -5.52 -22.46
C GLU A 266 43.07 -6.97 -22.82
N TYR A 267 42.34 -7.89 -22.19
CA TYR A 267 42.53 -9.31 -22.45
C TYR A 267 41.71 -9.84 -23.62
N ASN A 268 40.68 -9.08 -24.01
CA ASN A 268 39.80 -9.48 -25.11
C ASN A 268 39.16 -10.82 -24.81
N GLU A 269 38.72 -10.99 -23.56
CA GLU A 269 38.12 -12.24 -23.13
C GLU A 269 36.63 -12.17 -22.82
N THR A 270 36.13 -11.00 -22.43
CA THR A 270 34.71 -10.89 -22.13
C THR A 270 33.89 -10.29 -23.26
N ARG A 271 32.88 -11.04 -23.71
CA ARG A 271 32.03 -10.62 -24.81
C ARG A 271 30.56 -10.86 -24.46
N MSE A 272 29.64 -10.47 -25.35
CA MSE A 272 28.21 -10.65 -25.13
C MSE A 272 27.82 -12.13 -25.07
O MSE A 272 28.21 -12.91 -25.94
CB MSE A 272 27.42 -9.95 -26.24
CG MSE A 272 25.90 -10.04 -26.08
SE MSE A 272 24.96 -9.21 -27.58
CE MSE A 272 25.51 -10.42 -28.97
N GLY A 273 27.06 -12.49 -24.05
CA GLY A 273 26.63 -13.88 -23.87
C GLY A 273 25.45 -14.27 -24.74
N ALA A 274 25.37 -15.57 -25.08
CA ALA A 274 24.31 -16.09 -25.94
C ALA A 274 22.92 -15.99 -25.32
N THR A 275 22.82 -16.33 -24.03
CA THR A 275 21.53 -16.28 -23.36
C THR A 275 20.90 -14.90 -23.37
N ILE A 276 21.63 -13.90 -22.88
CA ILE A 276 21.05 -12.56 -22.86
C ILE A 276 20.78 -12.06 -24.28
N TRP A 277 21.64 -12.43 -25.23
CA TRP A 277 21.42 -12.01 -26.61
C TRP A 277 20.10 -12.61 -27.11
N GLY A 278 19.89 -13.89 -26.84
CA GLY A 278 18.69 -14.57 -27.28
C GLY A 278 17.42 -13.87 -26.84
N TYR A 279 17.37 -13.45 -25.58
CA TYR A 279 16.20 -12.76 -25.07
C TYR A 279 16.08 -11.36 -25.68
N LEU A 280 17.16 -10.60 -25.66
CA LEU A 280 17.12 -9.23 -26.19
C LEU A 280 16.70 -9.21 -27.64
N ASP A 281 17.22 -10.14 -28.44
CA ASP A 281 16.89 -10.23 -29.86
C ASP A 281 15.44 -10.65 -30.07
N GLY A 282 15.06 -11.79 -29.48
CA GLY A 282 13.71 -12.29 -29.64
C GLY A 282 12.62 -11.36 -29.14
N TYR A 283 12.91 -10.63 -28.08
CA TYR A 283 11.95 -9.71 -27.49
C TYR A 283 11.98 -8.33 -28.16
N LYS A 284 12.84 -8.18 -29.17
CA LYS A 284 12.97 -6.89 -29.84
C LYS A 284 13.21 -5.83 -28.77
N ASP A 285 14.15 -6.13 -27.87
CA ASP A 285 14.50 -5.30 -26.74
C ASP A 285 15.45 -4.16 -27.10
N PRO A 286 15.04 -2.90 -26.88
CA PRO A 286 15.91 -1.76 -27.19
C PRO A 286 17.14 -1.71 -26.28
N ARG A 287 17.15 -2.55 -25.25
CA ARG A 287 18.29 -2.58 -24.34
C ARG A 287 19.48 -3.31 -24.96
N LEU A 288 19.23 -4.02 -26.06
CA LEU A 288 20.30 -4.73 -26.74
C LEU A 288 21.40 -3.73 -27.13
N SER A 289 20.99 -2.65 -27.76
CA SER A 289 21.91 -1.60 -28.20
C SER A 289 22.51 -0.81 -27.04
N ALA A 290 21.78 -0.74 -25.93
CA ALA A 290 22.27 -0.02 -24.77
C ALA A 290 23.33 -0.81 -24.02
N TYR A 291 23.19 -2.14 -24.04
CA TYR A 291 24.14 -3.01 -23.33
C TYR A 291 25.37 -3.43 -24.14
N PHE A 292 25.18 -3.69 -25.43
CA PHE A 292 26.30 -4.19 -26.23
C PHE A 292 26.56 -3.49 -27.55
N THR A 293 27.80 -3.67 -28.03
CA THR A 293 28.25 -3.10 -29.30
C THR A 293 27.97 -4.14 -30.38
N GLU A 294 27.99 -3.70 -31.64
CA GLU A 294 27.81 -4.65 -32.73
C GLU A 294 29.20 -5.20 -32.98
N GLY A 295 29.29 -6.49 -33.27
CA GLY A 295 30.58 -7.07 -33.53
C GLY A 295 30.82 -7.11 -35.03
N THR A 296 31.96 -7.64 -35.44
CA THR A 296 32.30 -7.75 -36.85
C THR A 296 32.87 -9.14 -37.09
N TYR A 297 32.58 -9.69 -38.27
CA TYR A 297 33.03 -11.02 -38.64
C TYR A 297 33.65 -10.91 -40.03
N GLY A 298 34.95 -11.15 -40.11
CA GLY A 298 35.64 -11.04 -41.38
C GLY A 298 36.16 -9.61 -41.47
N SER A 299 36.79 -9.25 -42.58
CA SER A 299 37.33 -7.89 -42.72
C SER A 299 37.12 -7.30 -44.11
N GLY A 300 37.24 -5.97 -44.19
CA GLY A 300 37.08 -5.29 -45.45
C GLY A 300 35.67 -5.43 -46.02
N SER A 301 35.59 -5.76 -47.31
CA SER A 301 34.29 -5.91 -47.95
C SER A 301 33.66 -7.25 -47.57
N TRP A 302 34.42 -8.06 -46.84
CA TRP A 302 33.94 -9.38 -46.40
C TRP A 302 33.26 -9.27 -45.04
N ALA A 303 33.67 -8.26 -44.27
CA ALA A 303 33.15 -8.04 -42.94
C ALA A 303 31.63 -7.97 -42.83
N GLN A 304 31.10 -8.75 -41.88
CA GLN A 304 29.68 -8.77 -41.59
C GLN A 304 29.55 -8.08 -40.24
N THR A 305 28.55 -7.21 -40.09
CA THR A 305 28.33 -6.50 -38.84
C THR A 305 27.01 -6.93 -38.23
N GLY A 306 26.97 -6.96 -36.89
CA GLY A 306 25.75 -7.35 -36.20
C GLY A 306 26.02 -7.78 -34.78
N TYR A 307 24.98 -8.18 -34.07
CA TYR A 307 25.11 -8.63 -32.69
C TYR A 307 25.46 -10.12 -32.67
N PHE A 308 26.74 -10.40 -32.46
CA PHE A 308 27.27 -11.77 -32.43
C PHE A 308 27.66 -12.20 -31.02
N PRO A 309 26.93 -13.17 -30.45
CA PRO A 309 27.24 -13.65 -29.10
C PRO A 309 28.27 -14.76 -29.05
N VAL A 310 28.77 -15.02 -27.85
CA VAL A 310 29.74 -16.08 -27.60
C VAL A 310 28.99 -17.04 -26.66
N ALA A 311 29.02 -18.32 -26.98
CA ALA A 311 28.30 -19.31 -26.18
C ALA A 311 28.80 -19.42 -24.74
N PRO A 312 27.92 -19.87 -23.84
CA PRO A 312 28.31 -20.02 -22.43
C PRO A 312 29.27 -21.16 -22.25
N THR A 313 30.19 -21.01 -21.30
CA THR A 313 31.19 -22.03 -21.00
C THR A 313 31.85 -22.48 -22.30
N ASN A 314 32.44 -21.52 -23.00
CA ASN A 314 33.12 -21.73 -24.26
C ASN A 314 34.16 -22.84 -24.15
N SER A 315 34.18 -23.74 -25.14
CA SER A 315 35.14 -24.84 -25.13
C SER A 315 36.32 -24.55 -26.05
N LYS A 316 36.24 -23.45 -26.80
CA LYS A 316 37.30 -23.08 -27.73
C LYS A 316 38.38 -22.19 -27.14
N SER A 317 39.59 -22.30 -27.69
CA SER A 317 40.72 -21.50 -27.23
C SER A 317 40.52 -20.04 -27.63
N LYS A 318 41.26 -19.14 -26.99
CA LYS A 318 41.16 -17.72 -27.32
C LYS A 318 41.64 -17.51 -28.75
N SER A 319 41.02 -16.58 -29.47
CA SER A 319 41.41 -16.28 -30.84
C SER A 319 41.35 -14.78 -31.07
N GLU A 320 42.16 -14.29 -32.01
CA GLU A 320 42.18 -12.87 -32.30
C GLU A 320 42.07 -12.49 -33.78
N THR A 321 41.63 -13.42 -34.62
CA THR A 321 41.50 -13.12 -36.04
C THR A 321 40.22 -12.34 -36.28
N SER A 322 40.05 -11.82 -37.49
CA SER A 322 38.86 -11.04 -37.83
C SER A 322 37.59 -11.89 -37.79
N TYR A 323 37.76 -13.21 -37.76
CA TYR A 323 36.63 -14.14 -37.71
C TYR A 323 36.46 -14.71 -36.30
N SER A 324 37.22 -14.19 -35.35
CA SER A 324 37.17 -14.69 -33.97
C SER A 324 36.27 -13.94 -33.00
N ALA A 325 36.11 -14.51 -31.82
CA ALA A 325 35.28 -13.92 -30.78
C ALA A 325 35.89 -12.60 -30.30
N LYS A 326 37.13 -12.32 -30.71
CA LYS A 326 37.76 -11.07 -30.30
C LYS A 326 36.89 -9.94 -30.82
N PHE A 327 36.23 -10.17 -31.95
CA PHE A 327 35.38 -9.16 -32.54
C PHE A 327 33.88 -9.42 -32.44
N ALA A 328 33.51 -10.26 -31.48
CA ALA A 328 32.10 -10.55 -31.25
C ALA A 328 31.58 -9.30 -30.52
N SER A 329 30.27 -9.21 -30.33
CA SER A 329 29.71 -8.05 -29.62
C SER A 329 30.36 -7.95 -28.25
N ARG A 330 30.61 -6.72 -27.81
CA ARG A 330 31.25 -6.49 -26.51
C ARG A 330 30.35 -5.66 -25.60
N PRO A 331 30.50 -5.82 -24.28
CA PRO A 331 29.67 -5.04 -23.37
C PRO A 331 30.09 -3.58 -23.55
N LYS A 332 29.12 -2.66 -23.58
CA LYS A 332 29.46 -1.25 -23.70
C LYS A 332 29.86 -0.77 -22.31
N VAL A 333 31.03 -0.16 -22.21
CA VAL A 333 31.50 0.33 -20.94
C VAL A 333 32.74 1.21 -21.13
N ASP A 334 32.92 2.17 -20.24
CA ASP A 334 34.10 3.03 -20.29
C ASP A 334 34.65 3.16 -18.88
N SER A 335 35.80 3.82 -18.75
CA SER A 335 36.44 3.95 -17.45
C SER A 335 35.58 4.54 -16.34
N ASN A 336 34.68 5.45 -16.69
CA ASN A 336 33.81 6.10 -15.72
C ASN A 336 32.49 5.38 -15.46
N SER A 337 32.27 4.26 -16.12
CA SER A 337 31.04 3.51 -15.94
C SER A 337 30.95 2.97 -14.51
N PRO A 338 29.74 2.91 -13.95
CA PRO A 338 29.57 2.40 -12.60
C PRO A 338 29.32 0.91 -12.54
N LEU A 339 29.28 0.38 -11.31
CA LEU A 339 28.97 -1.01 -11.05
C LEU A 339 27.76 -0.84 -10.14
N TYR A 340 26.73 -1.65 -10.35
CA TYR A 340 25.51 -1.52 -9.58
C TYR A 340 25.31 -2.55 -8.47
N TRP A 341 24.95 -2.05 -7.28
CA TRP A 341 24.69 -2.90 -6.11
C TRP A 341 23.21 -3.23 -6.03
N PHE A 342 22.37 -2.21 -6.23
CA PHE A 342 20.93 -2.40 -6.17
C PHE A 342 20.22 -1.28 -6.92
N ARG A 343 19.31 -1.63 -7.82
CA ARG A 343 18.59 -0.62 -8.59
C ARG A 343 17.09 -0.66 -8.36
N ALA A 344 16.44 0.46 -8.63
CA ALA A 344 15.00 0.57 -8.43
C ALA A 344 14.20 -0.50 -9.17
N SER A 345 14.62 -0.83 -10.39
CA SER A 345 13.88 -1.83 -11.16
C SER A 345 13.78 -3.16 -10.42
N GLU A 346 14.84 -3.54 -9.73
CA GLU A 346 14.81 -4.81 -9.00
C GLU A 346 13.72 -4.81 -7.94
N THR A 347 13.56 -3.69 -7.25
CA THR A 347 12.54 -3.58 -6.21
C THR A 347 11.16 -3.94 -6.76
N TYR A 348 10.83 -3.44 -7.94
CA TYR A 348 9.53 -3.74 -8.52
C TYR A 348 9.35 -5.20 -8.87
N PHE A 349 10.40 -5.85 -9.38
CA PHE A 349 10.29 -7.26 -9.73
C PHE A 349 10.17 -8.13 -8.48
N LEU A 350 10.81 -7.67 -7.41
CA LEU A 350 10.76 -8.37 -6.13
C LEU A 350 9.33 -8.25 -5.58
N LYS A 351 8.75 -7.05 -5.68
CA LYS A 351 7.39 -6.83 -5.22
C LYS A 351 6.41 -7.65 -6.07
N ALA A 352 6.71 -7.77 -7.36
CA ALA A 352 5.87 -8.54 -8.27
C ALA A 352 5.77 -9.98 -7.80
N GLU A 353 6.90 -10.59 -7.50
CA GLU A 353 6.92 -11.97 -7.04
C GLU A 353 6.24 -12.06 -5.69
N ALA A 354 6.52 -11.11 -4.81
CA ALA A 354 5.93 -11.11 -3.47
C ALA A 354 4.40 -11.10 -3.57
N ALA A 355 3.87 -10.23 -4.43
CA ALA A 355 2.44 -10.12 -4.60
C ALA A 355 1.86 -11.38 -5.24
N LEU A 356 2.63 -11.98 -6.15
CA LEU A 356 2.19 -13.18 -6.84
C LEU A 356 1.96 -14.33 -5.85
N TYR A 357 2.74 -14.35 -4.76
CA TYR A 357 2.59 -15.40 -3.76
C TYR A 357 1.90 -14.91 -2.49
N ASN A 358 1.16 -13.82 -2.62
CA ASN A 358 0.39 -13.25 -1.51
C ASN A 358 1.17 -12.87 -0.26
N LEU A 359 2.40 -12.40 -0.41
CA LEU A 359 3.20 -12.01 0.74
C LEU A 359 2.93 -10.53 1.03
N ILE A 360 2.55 -9.78 0.00
CA ILE A 360 2.24 -8.36 0.12
C ILE A 360 1.00 -8.09 -0.72
N GLY A 361 0.43 -6.89 -0.57
CA GLY A 361 -0.74 -6.54 -1.36
C GLY A 361 -0.35 -5.98 -2.70
N GLY A 362 -1.30 -5.93 -3.62
CA GLY A 362 -1.01 -5.39 -4.95
C GLY A 362 -1.17 -6.37 -6.08
N ASP A 363 -1.13 -5.84 -7.30
CA ASP A 363 -1.28 -6.62 -8.51
C ASP A 363 0.10 -6.95 -9.09
N PRO A 364 0.43 -8.24 -9.21
CA PRO A 364 1.74 -8.64 -9.75
C PRO A 364 2.04 -7.97 -11.09
N LYS A 365 1.04 -7.97 -11.98
CA LYS A 365 1.21 -7.37 -13.32
C LYS A 365 1.64 -5.92 -13.25
N THR A 366 1.02 -5.16 -12.34
CA THR A 366 1.35 -3.74 -12.18
C THR A 366 2.81 -3.57 -11.80
N PHE A 367 3.25 -4.29 -10.77
CA PHE A 367 4.64 -4.21 -10.34
C PHE A 367 5.56 -4.66 -11.45
N TYR A 368 5.16 -5.72 -12.16
CA TYR A 368 5.93 -6.27 -13.27
C TYR A 368 6.16 -5.24 -14.35
N GLU A 369 5.08 -4.62 -14.82
CA GLU A 369 5.21 -3.63 -15.87
C GLU A 369 5.94 -2.37 -15.42
N GLN A 370 5.82 -2.00 -14.14
CA GLN A 370 6.52 -0.81 -13.67
C GLN A 370 8.02 -1.11 -13.57
N GLY A 371 8.36 -2.35 -13.25
CA GLY A 371 9.75 -2.73 -13.17
C GLY A 371 10.42 -2.61 -14.52
N ILE A 372 9.71 -3.03 -15.57
CA ILE A 372 10.26 -2.95 -16.92
C ILE A 372 10.37 -1.49 -17.33
N ASN A 373 9.35 -0.70 -17.02
CA ASN A 373 9.35 0.73 -17.35
C ASN A 373 10.55 1.42 -16.70
N ILE A 374 10.77 1.13 -15.41
CA ILE A 374 11.88 1.72 -14.68
C ILE A 374 13.22 1.29 -15.29
N SER A 375 13.29 0.04 -15.72
CA SER A 375 14.53 -0.46 -16.32
C SER A 375 14.84 0.30 -17.61
N PHE A 376 13.81 0.53 -18.42
CA PHE A 376 13.99 1.26 -19.67
C PHE A 376 14.51 2.66 -19.35
N GLN A 377 13.99 3.25 -18.30
CA GLN A 377 14.42 4.58 -17.90
C GLN A 377 15.86 4.54 -17.41
N GLU A 378 16.19 3.50 -16.65
CA GLU A 378 17.55 3.34 -16.14
C GLU A 378 18.54 3.26 -17.30
N GLN A 379 18.14 2.58 -18.36
CA GLN A 379 19.00 2.40 -19.53
C GLN A 379 18.86 3.48 -20.60
N GLY A 380 18.01 4.47 -20.34
CA GLY A 380 17.81 5.55 -21.28
C GLY A 380 17.21 5.15 -22.62
N VAL A 381 16.40 4.09 -22.63
CA VAL A 381 15.77 3.65 -23.88
C VAL A 381 14.27 3.91 -23.83
N SER A 382 13.65 3.91 -24.99
CA SER A 382 12.21 4.17 -25.10
C SER A 382 11.47 3.02 -25.77
N GLY A 383 10.15 3.16 -25.87
CA GLY A 383 9.33 2.15 -26.50
C GLY A 383 8.83 1.06 -25.58
N VAL A 384 8.68 1.38 -24.29
CA VAL A 384 8.25 0.39 -23.31
C VAL A 384 6.85 -0.18 -23.58
N ALA A 385 5.94 0.63 -24.12
CA ALA A 385 4.58 0.16 -24.39
C ALA A 385 4.57 -0.89 -25.51
N THR A 386 5.37 -0.65 -26.54
CA THR A 386 5.47 -1.58 -27.66
C THR A 386 6.12 -2.87 -27.17
N TYR A 387 7.12 -2.71 -26.30
CA TYR A 387 7.82 -3.87 -25.76
C TYR A 387 6.90 -4.72 -24.88
N LEU A 388 6.08 -4.06 -24.07
CA LEU A 388 5.15 -4.75 -23.16
C LEU A 388 4.02 -5.51 -23.85
N SER A 389 3.74 -5.16 -25.11
CA SER A 389 2.68 -5.84 -25.82
C SER A 389 3.25 -6.90 -26.76
N GLY A 390 4.57 -7.09 -26.69
CA GLY A 390 5.22 -8.07 -27.55
C GLY A 390 4.95 -9.50 -27.11
N THR A 391 4.77 -10.38 -28.08
CA THR A 391 4.48 -11.78 -27.81
C THR A 391 5.55 -12.70 -28.41
N GLY A 392 6.72 -12.13 -28.70
CA GLY A 392 7.80 -12.93 -29.26
C GLY A 392 8.54 -13.72 -28.20
N LYS A 393 9.18 -14.81 -28.62
CA LYS A 393 9.93 -15.66 -27.70
C LYS A 393 11.42 -15.47 -27.95
N PRO A 394 12.27 -15.83 -26.97
CA PRO A 394 13.71 -15.66 -27.17
C PRO A 394 14.22 -16.38 -28.41
N THR A 395 15.27 -15.85 -29.00
CA THR A 395 15.85 -16.42 -30.20
C THR A 395 16.86 -17.49 -29.88
N GLY A 396 16.75 -18.62 -30.58
CA GLY A 396 17.69 -19.71 -30.35
C GLY A 396 18.95 -19.48 -31.17
N LEU A 397 19.98 -20.23 -30.84
CA LEU A 397 21.23 -20.13 -31.55
C LEU A 397 21.38 -21.41 -32.35
N THR A 398 21.38 -21.29 -33.67
CA THR A 398 21.53 -22.46 -34.51
C THR A 398 22.99 -22.62 -34.87
N GLY A 399 23.35 -23.80 -35.34
CA GLY A 399 24.73 -24.05 -35.73
C GLY A 399 25.16 -23.06 -36.77
N SER A 400 24.22 -22.67 -37.62
CA SER A 400 24.48 -21.71 -38.68
C SER A 400 24.82 -20.33 -38.12
N ASN A 401 23.92 -19.78 -37.32
CA ASN A 401 24.10 -18.44 -36.75
C ASN A 401 25.32 -18.28 -35.85
N TYR A 402 25.70 -19.33 -35.13
CA TYR A 402 26.87 -19.22 -34.26
C TYR A 402 28.12 -19.32 -35.11
N LYS A 403 28.96 -18.30 -35.07
CA LYS A 403 30.16 -18.30 -35.90
C LYS A 403 31.50 -18.63 -35.25
N TYR A 404 31.50 -18.96 -33.97
CA TYR A 404 32.76 -19.26 -33.29
C TYR A 404 32.93 -20.72 -32.88
N GLY A 405 32.38 -21.62 -33.68
CA GLY A 405 32.50 -23.03 -33.38
C GLY A 405 31.19 -23.75 -33.59
N THR A 406 31.13 -25.01 -33.15
CA THR A 406 29.93 -25.82 -33.30
C THR A 406 29.08 -25.75 -32.04
N TYR A 407 27.98 -25.01 -32.12
CA TYR A 407 27.08 -24.86 -30.99
C TYR A 407 25.67 -24.50 -31.41
N ASN A 408 24.69 -25.06 -30.72
CA ASN A 408 23.30 -24.75 -31.03
C ASN A 408 22.43 -25.11 -29.83
N HIS A 409 21.43 -24.28 -29.60
CA HIS A 409 20.48 -24.49 -28.53
C HIS A 409 19.28 -23.61 -28.82
N ASP A 410 18.10 -24.23 -28.93
CA ASP A 410 16.90 -23.47 -29.20
C ASP A 410 16.32 -22.97 -27.88
N LEU A 411 16.64 -21.72 -27.56
CA LEU A 411 16.18 -21.10 -26.32
C LEU A 411 14.67 -20.85 -26.30
N SER A 412 14.03 -20.86 -27.47
CA SER A 412 12.59 -20.59 -27.54
C SER A 412 11.70 -21.70 -27.01
N ILE A 413 12.19 -22.93 -27.11
CA ILE A 413 11.43 -24.10 -26.67
C ILE A 413 10.84 -24.01 -25.26
N GLY A 414 9.51 -23.96 -25.20
CA GLY A 414 8.82 -23.88 -23.94
C GLY A 414 9.07 -22.59 -23.17
N ASN A 415 9.61 -21.58 -23.86
CA ASN A 415 9.92 -20.32 -23.22
C ASN A 415 8.74 -19.35 -23.28
N THR A 416 8.84 -18.24 -22.55
CA THR A 416 7.76 -17.27 -22.49
C THR A 416 8.10 -15.93 -23.14
N SER A 417 7.07 -15.07 -23.27
CA SER A 417 7.20 -13.76 -23.89
C SER A 417 7.13 -12.65 -22.83
N PRO A 418 7.33 -11.39 -23.24
CA PRO A 418 7.28 -10.24 -22.33
C PRO A 418 5.87 -9.89 -21.87
N LYS A 419 4.89 -10.06 -22.75
CA LYS A 419 3.50 -9.70 -22.42
C LYS A 419 2.95 -10.53 -21.27
N TRP A 420 2.49 -9.86 -20.23
CA TRP A 420 1.97 -10.52 -19.05
C TRP A 420 0.87 -11.55 -19.30
N ASP A 421 -0.12 -11.19 -20.10
CA ASP A 421 -1.26 -12.07 -20.39
C ASP A 421 -1.03 -13.13 -21.48
N ASP A 422 0.19 -13.21 -22.00
CA ASP A 422 0.51 -14.17 -23.05
C ASP A 422 1.18 -15.43 -22.48
N TYR A 423 0.45 -16.53 -22.41
CA TYR A 423 0.99 -17.76 -21.84
C TYR A 423 1.30 -18.90 -22.79
N THR A 424 2.50 -19.47 -22.63
CA THR A 424 2.93 -20.58 -23.47
C THR A 424 2.19 -21.85 -23.05
N GLY A 425 1.88 -21.94 -21.76
CA GLY A 425 1.14 -23.08 -21.26
C GLY A 425 1.89 -24.37 -20.97
N ASN A 426 3.22 -24.33 -20.96
CA ASN A 426 3.97 -25.54 -20.64
C ASN A 426 3.98 -25.68 -19.12
N LEU A 427 4.20 -24.57 -18.43
CA LEU A 427 4.21 -24.54 -16.96
C LEU A 427 2.83 -24.06 -16.54
N SER A 428 2.52 -24.15 -15.25
CA SER A 428 1.23 -23.66 -14.76
C SER A 428 1.22 -22.16 -15.00
N LYS A 429 0.04 -21.55 -14.95
CA LYS A 429 -0.06 -20.12 -15.16
C LYS A 429 0.76 -19.33 -14.15
N GLN A 430 0.63 -19.68 -12.87
CA GLN A 430 1.39 -18.98 -11.83
C GLN A 430 2.89 -19.16 -12.06
N GLU A 431 3.30 -20.37 -12.43
CA GLU A 431 4.72 -20.64 -12.67
C GLU A 431 5.25 -19.83 -13.84
N GLU A 432 4.44 -19.63 -14.88
CA GLU A 432 4.88 -18.87 -16.04
C GLU A 432 4.93 -17.39 -15.71
N GLN A 433 4.03 -16.94 -14.84
CA GLN A 433 4.01 -15.54 -14.42
C GLN A 433 5.32 -15.28 -13.67
N LEU A 434 5.72 -16.23 -12.83
CA LEU A 434 6.98 -16.07 -12.09
C LEU A 434 8.13 -16.07 -13.11
N GLN A 435 8.03 -16.94 -14.11
CA GLN A 435 9.06 -17.02 -15.14
C GLN A 435 9.24 -15.67 -15.84
N LYS A 436 8.12 -15.00 -16.14
CA LYS A 436 8.16 -13.69 -16.78
C LYS A 436 8.85 -12.69 -15.85
N ILE A 437 8.47 -12.70 -14.57
CA ILE A 437 9.05 -11.80 -13.58
C ILE A 437 10.55 -11.97 -13.46
N ILE A 438 11.00 -13.21 -13.30
CA ILE A 438 12.43 -13.50 -13.16
C ILE A 438 13.21 -13.24 -14.45
N THR A 439 12.59 -13.54 -15.59
CA THR A 439 13.26 -13.32 -16.87
C THR A 439 13.48 -11.83 -17.10
N GLN A 440 12.46 -11.02 -16.79
CA GLN A 440 12.58 -9.57 -16.95
C GLN A 440 13.53 -8.98 -15.91
N LYS A 441 13.56 -9.57 -14.71
CA LYS A 441 14.47 -9.09 -13.67
C LYS A 441 15.90 -9.39 -14.14
N TYR A 442 16.08 -10.56 -14.75
CA TYR A 442 17.38 -10.98 -15.28
C TYR A 442 17.89 -9.94 -16.26
N LEU A 443 17.00 -9.49 -17.15
CA LEU A 443 17.36 -8.48 -18.13
C LEU A 443 17.70 -7.13 -17.48
N ALA A 444 16.94 -6.74 -16.47
CA ALA A 444 17.15 -5.47 -15.78
C ALA A 444 18.35 -5.48 -14.83
N LEU A 445 18.72 -6.66 -14.33
CA LEU A 445 19.85 -6.78 -13.42
C LEU A 445 21.22 -6.64 -14.10
N TYR A 446 21.27 -6.86 -15.41
CA TYR A 446 22.55 -6.76 -16.11
C TYR A 446 23.26 -5.46 -15.74
N PRO A 447 24.57 -5.52 -15.46
CA PRO A 447 25.45 -6.69 -15.45
C PRO A 447 25.70 -7.35 -14.08
N ASN A 448 24.74 -7.25 -13.16
CA ASN A 448 24.91 -7.85 -11.83
C ASN A 448 24.78 -9.38 -11.96
N ALA A 449 25.86 -10.02 -12.42
CA ALA A 449 25.89 -11.46 -12.64
C ALA A 449 25.63 -12.37 -11.45
N VAL A 450 26.23 -12.08 -10.30
CA VAL A 450 26.04 -12.93 -9.14
C VAL A 450 24.58 -13.03 -8.73
N GLU A 451 23.88 -11.89 -8.67
CA GLU A 451 22.48 -11.89 -8.29
C GLU A 451 21.64 -12.69 -9.31
N ALA A 452 21.94 -12.51 -10.58
CA ALA A 452 21.21 -13.21 -11.64
C ALA A 452 21.46 -14.72 -11.53
N TRP A 453 22.70 -15.09 -11.22
CA TRP A 453 23.07 -16.49 -11.09
C TRP A 453 22.38 -17.10 -9.86
N THR A 454 22.29 -16.32 -8.79
CA THR A 454 21.62 -16.78 -7.57
C THR A 454 20.12 -16.97 -7.85
N GLU A 455 19.51 -16.00 -8.53
CA GLU A 455 18.09 -16.08 -8.83
C GLU A 455 17.76 -17.23 -9.76
N TYR A 456 18.65 -17.54 -10.70
CA TYR A 456 18.41 -18.66 -11.61
C TYR A 456 18.44 -19.96 -10.82
N ARG A 457 19.46 -20.13 -9.98
CA ARG A 457 19.59 -21.34 -9.17
C ARG A 457 18.41 -21.52 -8.22
N ARG A 458 17.88 -20.42 -7.70
CA ARG A 458 16.75 -20.49 -6.78
C ARG A 458 15.44 -20.86 -7.47
N THR A 459 15.17 -20.23 -8.61
CA THR A 459 13.92 -20.44 -9.34
C THR A 459 13.95 -21.31 -10.59
N GLY A 460 15.09 -21.36 -11.26
CA GLY A 460 15.18 -22.14 -12.49
C GLY A 460 14.94 -21.23 -13.68
N PHE A 461 14.77 -19.94 -13.41
CA PHE A 461 14.53 -18.96 -14.47
C PHE A 461 15.61 -17.87 -14.52
N PRO A 462 15.87 -17.33 -15.71
CA PRO A 462 15.21 -17.70 -16.96
C PRO A 462 15.90 -18.95 -17.53
N TYR A 463 15.32 -19.56 -18.55
CA TYR A 463 15.95 -20.74 -19.15
C TYR A 463 17.23 -20.22 -19.80
N LEU A 464 18.28 -21.01 -19.74
CA LEU A 464 19.57 -20.59 -20.27
C LEU A 464 20.09 -21.43 -21.43
N MSE A 465 20.99 -20.84 -22.20
CA MSE A 465 21.63 -21.55 -23.30
C MSE A 465 22.50 -22.56 -22.55
O MSE A 465 23.13 -22.21 -21.55
CB MSE A 465 22.53 -20.60 -24.10
CG MSE A 465 21.77 -19.52 -24.89
SE MSE A 465 21.16 -20.17 -26.61
CE MSE A 465 20.55 -18.50 -27.38
N LYS A 466 22.54 -23.80 -23.01
CA LYS A 466 23.32 -24.84 -22.35
C LYS A 466 24.81 -24.60 -22.54
N PRO A 467 25.64 -25.08 -21.59
CA PRO A 467 27.08 -24.88 -21.73
C PRO A 467 27.62 -25.57 -22.98
N MSE A 468 28.58 -24.94 -23.64
CA MSE A 468 29.16 -25.50 -24.86
C MSE A 468 30.12 -26.63 -24.52
O MSE A 468 30.20 -27.62 -25.25
CB MSE A 468 29.89 -24.41 -25.62
CG MSE A 468 30.48 -24.87 -26.93
SE MSE A 468 31.38 -23.44 -27.85
CE MSE A 468 31.08 -21.97 -26.64
N ASP A 469 30.86 -26.48 -23.42
CA ASP A 469 31.80 -27.49 -22.96
C ASP A 469 31.02 -28.57 -22.23
N GLU A 470 30.66 -29.63 -22.94
CA GLU A 470 29.90 -30.72 -22.36
C GLU A 470 30.61 -31.49 -21.25
N ALA A 471 31.89 -31.23 -21.06
CA ALA A 471 32.64 -31.91 -20.02
C ALA A 471 32.61 -31.11 -18.71
N ALA A 472 32.13 -29.88 -18.77
CA ALA A 472 32.06 -29.02 -17.58
C ALA A 472 31.22 -29.57 -16.43
N PRO A 473 29.98 -30.01 -16.71
CA PRO A 473 29.14 -30.54 -15.63
C PRO A 473 29.80 -31.67 -14.86
N GLY A 474 30.54 -32.52 -15.58
CA GLY A 474 31.21 -33.64 -14.94
C GLY A 474 32.26 -33.19 -13.93
N ARG A 475 32.84 -32.02 -14.16
CA ARG A 475 33.87 -31.49 -13.27
C ARG A 475 33.34 -31.13 -11.88
N ILE A 476 32.05 -30.89 -11.75
CA ILE A 476 31.50 -30.54 -10.44
C ILE A 476 30.62 -31.64 -9.86
N GLY A 477 30.55 -32.76 -10.56
CA GLY A 477 29.75 -33.88 -10.09
C GLY A 477 28.33 -33.90 -10.60
N ALA A 478 28.07 -33.25 -11.73
CA ALA A 478 26.72 -33.20 -12.31
C ALA A 478 26.77 -33.70 -13.75
N SER A 479 25.62 -33.79 -14.39
CA SER A 479 25.56 -34.25 -15.78
C SER A 479 24.93 -33.18 -16.66
N ILE A 480 25.11 -33.33 -17.97
CA ILE A 480 24.56 -32.39 -18.95
C ILE A 480 23.06 -32.59 -19.10
N GLU A 481 22.31 -32.27 -18.05
CA GLU A 481 20.85 -32.41 -18.07
C GLU A 481 20.28 -31.85 -16.77
N ASP A 482 21.04 -31.99 -15.69
CA ASP A 482 20.62 -31.48 -14.39
C ASP A 482 21.28 -30.13 -14.09
N CYS A 483 22.37 -29.83 -14.80
CA CYS A 483 23.09 -28.57 -14.59
C CYS A 483 23.50 -27.84 -15.86
N ARG A 484 23.03 -26.60 -16.00
CA ARG A 484 23.43 -25.76 -17.12
C ARG A 484 24.39 -24.74 -16.52
N VAL A 485 24.45 -24.70 -15.19
CA VAL A 485 25.34 -23.82 -14.44
C VAL A 485 25.72 -24.53 -13.14
N PRO A 486 26.85 -24.16 -12.52
CA PRO A 486 27.18 -24.84 -11.26
C PRO A 486 26.16 -24.38 -10.22
N GLU A 487 25.89 -25.23 -9.23
CA GLU A 487 24.94 -24.87 -8.17
C GLU A 487 25.62 -23.99 -7.12
N ARG A 488 26.95 -24.00 -7.11
CA ARG A 488 27.71 -23.23 -6.14
C ARG A 488 29.20 -23.39 -6.40
N PHE A 489 30.00 -22.54 -5.78
CA PHE A 489 31.45 -22.64 -5.87
C PHE A 489 31.77 -23.58 -4.71
N ARG A 490 32.92 -24.26 -4.76
CA ARG A 490 33.28 -25.13 -3.65
C ARG A 490 34.47 -24.45 -2.97
N PHE A 491 34.66 -24.72 -1.68
CA PHE A 491 35.79 -24.13 -0.98
C PHE A 491 37.06 -24.84 -1.44
N ALA A 492 38.19 -24.17 -1.27
CA ALA A 492 39.48 -24.74 -1.66
C ALA A 492 39.78 -25.87 -0.67
N PRO A 493 39.98 -27.10 -1.17
CA PRO A 493 40.27 -28.24 -0.30
C PRO A 493 41.35 -27.96 0.76
N THR A 494 42.44 -27.32 0.35
CA THR A 494 43.53 -27.03 1.29
C THR A 494 43.13 -26.08 2.41
N ALA A 495 42.05 -25.33 2.22
CA ALA A 495 41.60 -24.40 3.26
C ALA A 495 41.21 -25.16 4.52
N TYR A 496 40.73 -26.39 4.35
CA TYR A 496 40.34 -27.22 5.48
C TYR A 496 41.52 -27.50 6.42
N ASN A 497 42.72 -27.49 5.87
CA ASN A 497 43.93 -27.74 6.65
C ASN A 497 44.27 -26.58 7.59
N SER A 498 43.83 -25.38 7.25
CA SER A 498 44.11 -24.20 8.06
C SER A 498 43.02 -23.81 9.05
N ASN A 499 41.87 -24.47 8.97
CA ASN A 499 40.75 -24.19 9.87
C ASN A 499 39.98 -25.46 10.16
N PRO A 500 40.19 -26.07 11.33
CA PRO A 500 39.49 -27.31 11.70
C PRO A 500 37.97 -27.22 11.82
N ASN A 501 37.43 -26.01 11.82
CA ASN A 501 35.97 -25.87 11.90
C ASN A 501 35.31 -26.07 10.55
N MSE A 502 36.12 -26.10 9.50
CA MSE A 502 35.60 -26.29 8.15
C MSE A 502 35.20 -27.74 7.88
O MSE A 502 34.44 -28.01 6.95
CB MSE A 502 36.62 -25.83 7.11
CG MSE A 502 36.82 -24.32 7.11
SE MSE A 502 37.92 -23.70 5.65
CE MSE A 502 36.53 -23.53 4.32
N ALA A 503 35.68 -28.66 8.70
CA ALA A 503 35.37 -30.07 8.53
C ALA A 503 33.87 -30.30 8.59
N GLU A 504 33.16 -29.35 9.17
CA GLU A 504 31.71 -29.42 9.32
C GLU A 504 30.92 -28.96 8.09
N ILE A 505 31.62 -28.33 7.14
CA ILE A 505 30.98 -27.81 5.91
C ILE A 505 30.03 -28.75 5.19
N PRO A 506 30.48 -29.98 4.87
CA PRO A 506 29.58 -30.89 4.17
C PRO A 506 28.26 -31.12 4.92
N THR A 507 28.34 -31.20 6.25
CA THR A 507 27.14 -31.40 7.06
C THR A 507 26.26 -30.14 6.98
N LEU A 508 26.90 -28.98 6.99
CA LEU A 508 26.14 -27.73 6.91
C LEU A 508 25.48 -27.60 5.54
N LEU A 509 26.14 -28.13 4.52
CA LEU A 509 25.63 -28.10 3.16
C LEU A 509 24.56 -29.16 2.91
N GLY A 510 24.66 -30.27 3.63
CA GLY A 510 23.71 -31.35 3.44
C GLY A 510 24.14 -32.09 2.19
N GLY A 511 25.41 -31.93 1.85
CA GLY A 511 25.96 -32.57 0.66
C GLY A 511 27.46 -32.38 0.58
N GLY A 512 28.07 -32.94 -0.45
CA GLY A 512 29.51 -32.81 -0.60
C GLY A 512 29.91 -31.39 -0.98
N ASP A 513 31.13 -31.01 -0.61
CA ASP A 513 31.62 -29.68 -0.93
C ASP A 513 32.09 -29.67 -2.39
N ILE A 514 31.12 -29.71 -3.29
CA ILE A 514 31.38 -29.70 -4.73
C ILE A 514 30.39 -28.74 -5.38
N GLY A 515 30.64 -28.40 -6.64
CA GLY A 515 29.78 -27.46 -7.35
C GLY A 515 28.37 -27.92 -7.66
N ALA A 516 28.12 -29.23 -7.60
CA ALA A 516 26.80 -29.77 -7.90
C ALA A 516 25.82 -29.73 -6.72
N THR A 517 26.33 -29.46 -5.53
CA THR A 517 25.47 -29.43 -4.35
C THR A 517 24.56 -28.20 -4.29
N LYS A 518 23.26 -28.43 -4.31
CA LYS A 518 22.28 -27.34 -4.27
C LYS A 518 22.29 -26.59 -2.95
N LEU A 519 22.19 -25.27 -3.02
CA LEU A 519 22.18 -24.47 -1.82
C LEU A 519 20.83 -24.49 -1.14
N TRP A 520 20.79 -23.95 0.07
CA TRP A 520 19.59 -23.92 0.90
C TRP A 520 18.31 -23.32 0.30
N TRP A 521 18.43 -22.18 -0.38
CA TRP A 521 17.24 -21.53 -0.94
C TRP A 521 16.68 -22.07 -2.26
N VAL A 522 17.28 -23.13 -2.79
CA VAL A 522 16.77 -23.67 -4.05
C VAL A 522 15.38 -24.23 -3.79
N ARG A 523 14.39 -23.74 -4.54
CA ARG A 523 13.02 -24.19 -4.34
C ARG A 523 12.78 -25.61 -4.82
N SER A 524 11.78 -26.25 -4.21
CA SER A 524 11.42 -27.61 -4.58
C SER A 524 10.73 -27.60 -5.92
N ASN A 525 10.80 -28.73 -6.62
CA ASN A 525 10.15 -28.86 -7.92
C ASN A 525 10.62 -27.78 -8.89
N ARG A 526 11.91 -27.44 -8.84
CA ARG A 526 12.46 -26.42 -9.73
C ARG A 526 12.32 -26.86 -11.19
N PRO A 527 11.71 -26.00 -12.03
CA PRO A 527 11.48 -26.26 -13.45
C PRO A 527 12.75 -26.37 -14.30
N LYS A 528 12.60 -27.01 -15.46
CA LYS A 528 13.68 -27.18 -16.41
C LYS A 528 13.11 -26.96 -17.81
N GLN A 529 13.89 -26.37 -18.71
CA GLN A 529 13.40 -26.15 -20.07
C GLN A 529 13.17 -27.48 -20.77
N PRO A 530 12.04 -27.63 -21.48
CA PRO A 530 11.73 -28.89 -22.18
C PRO A 530 12.86 -29.25 -23.16
N ASN A 531 12.95 -30.52 -23.51
CA ASN A 531 13.97 -31.00 -24.43
C ASN A 531 13.63 -30.71 -25.90
N PRO B 22 -37.23 33.42 -9.83
CA PRO B 22 -37.08 32.36 -8.82
C PRO B 22 -38.39 31.90 -8.19
N LEU B 23 -39.47 32.62 -8.47
CA LEU B 23 -40.78 32.26 -7.91
C LEU B 23 -41.16 30.83 -8.24
N LYS B 24 -40.89 30.40 -9.46
CA LYS B 24 -41.22 29.05 -9.87
C LYS B 24 -40.32 27.98 -9.27
N TYR B 25 -39.21 28.42 -8.66
CA TYR B 25 -38.27 27.48 -8.03
C TYR B 25 -38.36 27.46 -6.51
N GLY B 26 -38.84 28.57 -5.94
CA GLY B 26 -38.94 28.69 -4.49
C GLY B 26 -39.48 27.54 -3.67
N ALA B 27 -40.75 27.19 -3.89
CA ALA B 27 -41.38 26.10 -3.15
C ALA B 27 -40.64 24.78 -3.27
N ARG B 28 -40.23 24.44 -4.49
CA ARG B 28 -39.51 23.20 -4.74
C ARG B 28 -38.17 23.18 -4.01
N PHE B 29 -37.46 24.30 -4.07
CA PHE B 29 -36.16 24.40 -3.42
C PHE B 29 -36.29 24.28 -1.89
N MSE B 30 -37.32 24.90 -1.32
CA MSE B 30 -37.50 24.79 0.12
C MSE B 30 -37.86 23.35 0.49
O MSE B 30 -37.48 22.87 1.55
CB MSE B 30 -38.56 25.76 0.62
CG MSE B 30 -38.16 27.23 0.50
SE MSE B 30 -39.06 28.35 1.81
CE MSE B 30 -40.86 28.15 1.14
N ASN B 31 -38.60 22.67 -0.38
CA ASN B 31 -38.98 21.28 -0.14
C ASN B 31 -37.71 20.42 -0.12
N MSE B 32 -36.83 20.64 -1.08
CA MSE B 32 -35.58 19.88 -1.16
C MSE B 32 -34.75 20.01 0.11
O MSE B 32 -34.28 19.01 0.65
CB MSE B 32 -34.72 20.37 -2.34
CG MSE B 32 -35.17 19.91 -3.70
SE MSE B 32 -33.92 20.54 -5.04
CE MSE B 32 -32.42 19.42 -4.58
N GLN B 33 -34.58 21.23 0.58
CA GLN B 33 -33.80 21.48 1.79
C GLN B 33 -34.34 20.74 3.00
N GLN B 34 -35.66 20.62 3.09
CA GLN B 34 -36.27 19.93 4.23
C GLN B 34 -36.17 18.41 4.07
N ARG B 35 -35.77 17.95 2.89
CA ARG B 35 -35.66 16.52 2.62
C ARG B 35 -34.27 15.90 2.83
N VAL B 36 -33.21 16.70 2.72
CA VAL B 36 -31.85 16.18 2.90
C VAL B 36 -31.77 15.33 4.16
N ILE B 37 -32.24 15.92 5.26
CA ILE B 37 -32.35 15.23 6.54
C ILE B 37 -33.77 15.63 6.94
N PRO B 38 -34.70 14.67 6.95
CA PRO B 38 -36.12 14.88 7.28
C PRO B 38 -36.47 15.90 8.38
N ILE B 39 -37.21 16.93 8.00
CA ILE B 39 -37.68 17.95 8.93
C ILE B 39 -38.76 18.75 8.22
N GLY B 40 -39.75 19.25 8.95
CA GLY B 40 -40.80 20.01 8.31
C GLY B 40 -41.57 20.93 9.23
N SER B 41 -42.59 21.58 8.67
CA SER B 41 -43.43 22.52 9.40
C SER B 41 -44.09 21.90 10.64
N PRO B 42 -44.26 22.71 11.71
CA PRO B 42 -44.90 22.20 12.94
C PRO B 42 -46.28 21.65 12.58
N SER B 43 -46.86 22.21 11.53
CA SER B 43 -48.18 21.81 11.04
C SER B 43 -48.26 20.35 10.62
N LEU B 44 -47.13 19.76 10.27
CA LEU B 44 -47.10 18.36 9.83
C LEU B 44 -46.86 17.41 11.00
N THR B 45 -46.92 17.96 12.21
CA THR B 45 -46.72 17.23 13.45
C THR B 45 -45.61 16.18 13.46
N THR B 46 -45.98 14.93 13.69
CA THR B 46 -45.00 13.84 13.76
C THR B 46 -44.53 13.28 12.42
N GLY B 47 -45.11 13.75 11.32
CA GLY B 47 -44.74 13.26 10.00
C GLY B 47 -43.25 13.18 9.76
N PRO B 48 -42.56 14.33 9.68
CA PRO B 48 -41.11 14.35 9.45
C PRO B 48 -40.36 13.55 10.51
N GLY B 49 -40.89 13.52 11.72
CA GLY B 49 -40.25 12.78 12.79
C GLY B 49 -40.24 11.28 12.52
N ASN B 50 -41.29 10.77 11.90
CA ASN B 50 -41.34 9.36 11.57
C ASN B 50 -40.25 9.09 10.53
N ASP B 51 -40.10 10.01 9.59
CA ASP B 51 -39.08 9.89 8.55
C ASP B 51 -37.67 9.90 9.16
N LEU B 52 -37.45 10.82 10.12
CA LEU B 52 -36.14 10.92 10.75
C LEU B 52 -35.79 9.66 11.52
N GLN B 53 -36.82 9.02 12.11
CA GLN B 53 -36.59 7.78 12.83
C GLN B 53 -35.98 6.79 11.85
N ASN B 54 -36.59 6.69 10.68
CA ASN B 54 -36.17 5.79 9.61
C ASN B 54 -34.76 6.01 9.11
N THR B 55 -34.36 7.27 8.98
CA THR B 55 -33.04 7.58 8.47
C THR B 55 -31.94 7.74 9.53
N ASP B 56 -32.28 8.40 10.62
CA ASP B 56 -31.31 8.70 11.68
C ASP B 56 -31.46 8.10 13.08
N LEU B 57 -32.64 8.23 13.66
CA LEU B 57 -32.88 7.83 15.04
C LEU B 57 -32.90 6.36 15.46
N ILE B 58 -33.77 5.54 14.87
CA ILE B 58 -33.83 4.14 15.28
C ILE B 58 -32.97 3.21 14.44
N SER B 59 -32.40 3.75 13.36
CA SER B 59 -31.55 2.95 12.48
C SER B 59 -30.07 3.33 12.65
N SER B 60 -29.54 4.09 11.70
CA SER B 60 -28.13 4.48 11.74
C SER B 60 -27.64 4.95 13.12
N GLY B 61 -28.33 5.91 13.72
CA GLY B 61 -27.95 6.42 15.02
C GLY B 61 -27.96 5.36 16.11
N ASN B 62 -28.86 4.39 15.97
CA ASN B 62 -28.98 3.30 16.93
C ASN B 62 -27.80 2.33 16.75
N TYR B 63 -27.52 1.96 15.51
CA TYR B 63 -26.42 1.05 15.21
C TYR B 63 -25.07 1.51 15.77
N ILE B 64 -24.74 2.79 15.57
CA ILE B 64 -23.46 3.32 16.04
C ILE B 64 -23.46 3.83 17.47
N GLY B 65 -24.60 3.73 18.15
CA GLY B 65 -24.63 4.15 19.53
C GLY B 65 -24.85 5.60 19.88
N TYR B 66 -25.26 6.42 18.91
CA TYR B 66 -25.57 7.81 19.21
C TYR B 66 -26.82 7.73 20.08
N PHE B 67 -27.71 6.83 19.71
CA PHE B 67 -28.99 6.63 20.40
C PHE B 67 -29.24 5.19 20.81
N GLY B 68 -30.25 5.01 21.64
CA GLY B 68 -30.67 3.69 22.09
C GLY B 68 -32.20 3.70 22.00
N ASN B 69 -32.79 2.59 21.57
CA ASN B 69 -34.24 2.52 21.41
C ASN B 69 -35.00 1.94 22.60
N ASN B 70 -36.05 2.64 23.04
CA ASN B 70 -36.89 2.16 24.13
C ASN B 70 -38.01 1.40 23.43
N ASN B 71 -37.63 0.40 22.65
CA ASN B 71 -38.59 -0.40 21.89
C ASN B 71 -37.82 -1.36 20.98
N ASN B 72 -38.49 -2.40 20.51
CA ASN B 72 -37.87 -3.35 19.60
C ASN B 72 -38.81 -3.54 18.40
N TRP B 73 -39.96 -2.88 18.46
CA TRP B 73 -40.96 -2.95 17.40
C TRP B 73 -41.24 -4.40 16.99
N GLY B 74 -41.16 -5.30 17.97
CA GLY B 74 -41.41 -6.70 17.70
C GLY B 74 -40.43 -7.30 16.71
N PHE B 75 -39.30 -6.65 16.55
CA PHE B 75 -38.26 -7.11 15.62
C PHE B 75 -38.81 -7.07 14.19
N ASN B 76 -39.72 -6.14 13.92
CA ASN B 76 -40.32 -6.03 12.60
C ASN B 76 -39.81 -4.89 11.72
N ASN B 77 -38.76 -4.19 12.15
CA ASN B 77 -38.22 -3.13 11.30
C ASN B 77 -36.72 -2.99 11.38
N GLU B 78 -36.19 -1.98 10.69
CA GLU B 78 -34.75 -1.76 10.63
C GLU B 78 -34.04 -1.56 11.98
N ALA B 79 -34.78 -1.18 13.02
CA ALA B 79 -34.16 -0.97 14.32
C ALA B 79 -33.43 -2.24 14.75
N ASN B 80 -34.06 -3.38 14.51
CA ASN B 80 -33.42 -4.64 14.87
C ASN B 80 -32.94 -5.40 13.65
N TRP B 81 -32.51 -4.63 12.66
CA TRP B 81 -31.95 -5.15 11.41
C TRP B 81 -32.89 -5.97 10.53
N ASN B 82 -34.19 -5.82 10.72
CA ASN B 82 -35.16 -6.53 9.89
C ASN B 82 -35.55 -5.57 8.78
N PHE B 83 -34.81 -5.64 7.66
CA PHE B 83 -35.06 -4.75 6.53
C PHE B 83 -36.23 -5.20 5.65
N THR B 84 -37.43 -5.10 6.20
CA THR B 84 -38.64 -5.51 5.49
C THR B 84 -38.87 -4.66 4.26
N ASP B 85 -39.71 -5.18 3.37
CA ASP B 85 -40.05 -4.50 2.13
C ASP B 85 -40.62 -3.12 2.41
N SER B 86 -41.62 -3.03 3.28
CA SER B 86 -42.25 -1.74 3.59
C SER B 86 -41.27 -0.71 4.13
N ARG B 87 -40.43 -1.10 5.08
CA ARG B 87 -39.47 -0.16 5.66
C ARG B 87 -38.35 0.23 4.70
N MSE B 88 -37.97 -0.67 3.80
CA MSE B 88 -36.91 -0.33 2.85
C MSE B 88 -37.47 0.55 1.75
O MSE B 88 -36.76 1.36 1.16
CB MSE B 88 -36.29 -1.61 2.28
CG MSE B 88 -35.41 -2.34 3.29
SE MSE B 88 -33.95 -1.25 3.98
CE MSE B 88 -34.81 -0.61 5.61
N ASN B 89 -38.76 0.39 1.44
CA ASN B 89 -39.41 1.22 0.44
C ASN B 89 -39.47 2.62 1.06
N TYR B 90 -39.74 2.65 2.36
CA TYR B 90 -39.82 3.89 3.13
C TYR B 90 -38.44 4.56 3.17
N ALA B 91 -37.40 3.76 3.35
CA ALA B 91 -36.05 4.30 3.39
C ALA B 91 -35.64 4.86 2.03
N TYR B 92 -36.06 4.19 0.96
CA TYR B 92 -35.74 4.65 -0.39
C TYR B 92 -36.36 6.03 -0.62
N GLN B 93 -37.57 6.21 -0.10
CA GLN B 93 -38.26 7.49 -0.24
C GLN B 93 -37.50 8.57 0.54
N ASN B 94 -37.20 8.28 1.80
CA ASN B 94 -36.51 9.23 2.65
C ASN B 94 -35.07 9.59 2.30
N PHE B 95 -34.37 8.70 1.59
CA PHE B 95 -32.98 8.96 1.22
C PHE B 95 -32.81 9.39 -0.23
N TYR B 96 -33.73 8.96 -1.09
CA TYR B 96 -33.60 9.26 -2.51
C TYR B 96 -34.80 9.89 -3.24
N SER B 97 -35.91 9.16 -3.32
CA SER B 97 -37.06 9.65 -4.08
C SER B 97 -37.79 10.92 -3.63
N GLN B 98 -37.92 11.16 -2.34
CA GLN B 98 -38.61 12.36 -1.88
C GLN B 98 -37.92 13.61 -2.42
N ILE B 99 -36.59 13.62 -2.44
CA ILE B 99 -35.91 14.79 -2.93
C ILE B 99 -35.78 14.78 -4.46
N PHE B 100 -35.94 13.59 -5.05
CA PHE B 100 -35.86 13.45 -6.50
C PHE B 100 -36.99 14.24 -7.18
N LEU B 101 -38.19 14.11 -6.63
CA LEU B 101 -39.36 14.78 -7.19
C LEU B 101 -39.16 16.28 -7.38
N PRO B 102 -38.90 17.02 -6.30
CA PRO B 102 -38.69 18.47 -6.38
C PRO B 102 -37.52 18.84 -7.28
N TRP B 103 -36.41 18.11 -7.14
CA TRP B 103 -35.23 18.38 -7.95
C TRP B 103 -35.49 18.22 -9.44
N ASN B 104 -36.17 17.13 -9.81
CA ASN B 104 -36.47 16.86 -11.20
C ASN B 104 -37.31 17.97 -11.84
N GLU B 105 -38.23 18.53 -11.09
CA GLU B 105 -39.07 19.60 -11.60
C GLU B 105 -38.23 20.86 -11.81
N ILE B 106 -37.27 21.07 -10.92
CA ILE B 106 -36.39 22.23 -11.04
C ILE B 106 -35.50 22.02 -12.26
N TYR B 107 -35.04 20.79 -12.45
CA TYR B 107 -34.17 20.46 -13.59
C TYR B 107 -34.91 20.63 -14.91
N GLU B 108 -36.16 20.18 -14.97
CA GLU B 108 -36.97 20.29 -16.18
C GLU B 108 -37.14 21.74 -16.62
N ILE B 109 -37.29 22.63 -15.64
CA ILE B 109 -37.49 24.04 -15.91
C ILE B 109 -36.18 24.76 -16.21
N ALA B 110 -35.13 24.41 -15.49
CA ALA B 110 -33.82 25.05 -15.69
C ALA B 110 -33.10 24.56 -16.94
N LYS B 111 -33.21 23.26 -17.25
CA LYS B 111 -32.53 22.70 -18.42
C LYS B 111 -33.05 23.25 -19.74
N ASP B 112 -34.17 23.97 -19.68
CA ASP B 112 -34.76 24.56 -20.87
C ASP B 112 -34.59 26.07 -20.87
N SER B 113 -33.82 26.57 -19.91
CA SER B 113 -33.61 28.01 -19.80
C SER B 113 -32.31 28.52 -20.42
N ASP B 114 -32.36 29.78 -20.88
CA ASP B 114 -31.21 30.44 -21.49
C ASP B 114 -30.68 31.50 -20.55
N SER B 115 -31.29 31.58 -19.38
CA SER B 115 -30.90 32.55 -18.35
C SER B 115 -29.77 32.06 -17.47
N PRO B 116 -28.72 32.90 -17.30
CA PRO B 116 -27.58 32.53 -16.46
C PRO B 116 -27.90 32.49 -14.97
N SER B 117 -28.83 33.33 -14.53
CA SER B 117 -29.20 33.35 -13.12
C SER B 117 -29.91 32.04 -12.78
N GLU B 118 -30.68 31.52 -13.73
CA GLU B 118 -31.39 30.27 -13.52
C GLU B 118 -30.42 29.09 -13.55
N GLN B 119 -29.27 29.25 -14.22
CA GLN B 119 -28.29 28.18 -14.25
C GLN B 119 -27.63 28.09 -12.87
N ALA B 120 -27.54 29.22 -12.20
CA ALA B 120 -26.95 29.29 -10.86
C ALA B 120 -27.91 28.64 -9.87
N ILE B 121 -29.20 28.84 -10.10
CA ILE B 121 -30.22 28.24 -9.25
C ILE B 121 -30.12 26.73 -9.34
N LEU B 122 -29.96 26.22 -10.56
CA LEU B 122 -29.86 24.77 -10.76
C LEU B 122 -28.64 24.17 -10.08
N GLU B 123 -27.51 24.87 -10.13
CA GLU B 123 -26.30 24.35 -9.50
C GLU B 123 -26.42 24.30 -7.98
N ILE B 124 -27.11 25.27 -7.39
CA ILE B 124 -27.30 25.26 -5.95
C ILE B 124 -28.25 24.10 -5.64
N ALA B 125 -29.21 23.87 -6.52
CA ALA B 125 -30.17 22.77 -6.34
C ALA B 125 -29.40 21.45 -6.45
N ASN B 126 -28.43 21.39 -7.35
CA ASN B 126 -27.65 20.17 -7.53
C ASN B 126 -26.81 19.88 -6.29
N ILE B 127 -26.28 20.93 -5.65
CA ILE B 127 -25.49 20.73 -4.44
C ILE B 127 -26.38 20.10 -3.37
N VAL B 128 -27.58 20.66 -3.18
CA VAL B 128 -28.50 20.13 -2.19
C VAL B 128 -28.85 18.69 -2.54
N ARG B 129 -29.10 18.44 -3.81
CA ARG B 129 -29.43 17.09 -4.25
C ARG B 129 -28.29 16.13 -3.95
N ASN B 130 -27.07 16.56 -4.22
CA ASN B 130 -25.92 15.69 -4.00
C ASN B 130 -25.58 15.44 -2.54
N ILE B 131 -25.88 16.41 -1.67
CA ILE B 131 -25.63 16.22 -0.24
C ILE B 131 -26.59 15.11 0.21
N ALA B 132 -27.82 15.17 -0.30
CA ALA B 132 -28.83 14.17 0.05
C ALA B 132 -28.50 12.81 -0.55
N TRP B 133 -28.12 12.80 -1.82
CA TRP B 133 -27.82 11.53 -2.47
C TRP B 133 -26.51 10.89 -2.05
N LEU B 134 -25.65 11.65 -1.38
CA LEU B 134 -24.40 11.08 -0.88
C LEU B 134 -24.83 10.11 0.22
N ARG B 135 -25.86 10.52 0.98
CA ARG B 135 -26.40 9.68 2.04
C ARG B 135 -27.03 8.44 1.40
N ALA B 136 -27.80 8.66 0.34
CA ALA B 136 -28.47 7.56 -0.37
C ALA B 136 -27.48 6.47 -0.76
N THR B 137 -26.43 6.83 -1.47
CA THR B 137 -25.45 5.84 -1.89
C THR B 137 -24.69 5.23 -0.70
N ASP B 138 -24.39 6.04 0.30
CA ASP B 138 -23.67 5.54 1.47
C ASP B 138 -24.52 4.58 2.29
N VAL B 139 -25.83 4.61 2.05
CA VAL B 139 -26.75 3.74 2.77
C VAL B 139 -27.11 2.50 1.94
N PHE B 140 -27.36 2.67 0.64
CA PHE B 140 -27.73 1.55 -0.22
C PHE B 140 -26.62 1.02 -1.14
N GLY B 141 -25.70 1.89 -1.52
CA GLY B 141 -24.64 1.49 -2.43
C GLY B 141 -24.98 2.06 -3.79
N PRO B 142 -25.35 1.22 -4.77
CA PRO B 142 -25.70 1.74 -6.09
C PRO B 142 -27.02 2.50 -6.07
N ILE B 143 -27.09 3.59 -6.82
CA ILE B 143 -28.30 4.39 -6.93
C ILE B 143 -28.39 4.91 -8.36
N ALA B 144 -29.57 5.36 -8.76
CA ALA B 144 -29.75 5.90 -10.11
C ALA B 144 -29.27 7.35 -10.06
N TYR B 145 -27.97 7.54 -10.27
CA TYR B 145 -27.39 8.88 -10.21
C TYR B 145 -27.38 9.60 -11.55
N ASN B 146 -26.62 9.08 -12.52
CA ASN B 146 -26.52 9.73 -13.81
C ASN B 146 -27.80 9.70 -14.65
N SER B 147 -28.66 8.72 -14.42
CA SER B 147 -29.91 8.64 -15.18
C SER B 147 -30.95 9.63 -14.65
N ALA B 148 -30.71 10.18 -13.47
CA ALA B 148 -31.64 11.12 -12.85
C ALA B 148 -32.02 12.26 -13.80
N GLY B 149 -33.33 12.41 -14.02
CA GLY B 149 -33.80 13.46 -14.90
C GLY B 149 -33.98 13.03 -16.35
N ASP B 150 -33.68 11.77 -16.65
CA ASP B 150 -33.83 11.29 -18.02
C ASP B 150 -35.29 10.99 -18.34
N GLY B 151 -36.15 11.06 -17.32
CA GLY B 151 -37.58 10.81 -17.53
C GLY B 151 -37.97 9.36 -17.67
N SER B 152 -37.02 8.45 -17.46
CA SER B 152 -37.28 7.01 -17.59
C SER B 152 -38.17 6.43 -16.49
N ILE B 153 -38.99 5.46 -16.86
CA ILE B 153 -39.89 4.82 -15.91
C ILE B 153 -39.14 3.66 -15.23
N ALA B 154 -38.02 3.26 -15.83
CA ALA B 154 -37.19 2.18 -15.28
C ALA B 154 -35.75 2.67 -15.18
N PRO B 155 -35.48 3.62 -14.26
CA PRO B 155 -34.17 4.22 -14.01
C PRO B 155 -33.03 3.22 -13.93
N LYS B 156 -31.91 3.53 -14.58
CA LYS B 156 -30.76 2.65 -14.54
C LYS B 156 -29.89 3.03 -13.35
N PHE B 157 -29.39 2.04 -12.63
CA PHE B 157 -28.54 2.29 -11.47
C PHE B 157 -27.06 2.29 -11.82
N ASP B 158 -26.29 3.09 -11.09
CA ASP B 158 -24.84 3.21 -11.29
C ASP B 158 -24.18 2.48 -10.13
N SER B 159 -22.98 1.95 -10.35
CA SER B 159 -22.25 1.27 -9.29
C SER B 159 -21.85 2.40 -8.34
N GLN B 160 -21.62 2.08 -7.08
CA GLN B 160 -21.23 3.10 -6.13
C GLN B 160 -19.98 3.85 -6.58
N GLU B 161 -19.02 3.13 -7.15
CA GLU B 161 -17.80 3.77 -7.62
C GLU B 161 -18.12 4.84 -8.66
N VAL B 162 -19.03 4.51 -9.59
CA VAL B 162 -19.43 5.45 -10.62
C VAL B 162 -20.13 6.66 -10.00
N VAL B 163 -20.97 6.41 -9.00
CA VAL B 163 -21.68 7.50 -8.34
C VAL B 163 -20.68 8.47 -7.73
N TYR B 164 -19.67 7.94 -7.04
CA TYR B 164 -18.65 8.78 -6.44
C TYR B 164 -17.87 9.61 -7.46
N ARG B 165 -17.38 8.95 -8.50
CA ARG B 165 -16.63 9.65 -9.54
C ARG B 165 -17.49 10.72 -10.21
N SER B 166 -18.75 10.37 -10.50
CA SER B 166 -19.67 11.30 -11.13
C SER B 166 -20.02 12.48 -10.22
N MSE B 167 -20.18 12.20 -8.93
CA MSE B 167 -20.55 13.26 -7.99
C MSE B 167 -19.42 14.29 -7.82
O MSE B 167 -19.68 15.49 -7.74
CB MSE B 167 -20.94 12.68 -6.64
CG MSE B 167 -21.55 13.72 -5.72
SE MSE B 167 -22.23 13.00 -4.06
CE MSE B 167 -22.61 11.20 -4.61
N LEU B 168 -18.18 13.82 -7.74
CA LEU B 168 -17.04 14.72 -7.59
C LEU B 168 -16.98 15.67 -8.80
N ALA B 169 -17.18 15.13 -9.99
CA ALA B 169 -17.15 15.95 -11.20
C ALA B 169 -18.31 16.94 -11.21
N ASP B 170 -19.48 16.52 -10.72
CA ASP B 170 -20.63 17.41 -10.68
C ASP B 170 -20.42 18.52 -9.66
N LEU B 171 -19.82 18.19 -8.53
CA LEU B 171 -19.57 19.20 -7.50
C LEU B 171 -18.60 20.23 -8.07
N SER B 172 -17.59 19.77 -8.79
CA SER B 172 -16.61 20.66 -9.39
C SER B 172 -17.29 21.60 -10.39
N LYS B 173 -18.23 21.05 -11.16
CA LYS B 173 -18.96 21.84 -12.14
C LYS B 173 -19.74 22.94 -11.44
N SER B 174 -20.42 22.58 -10.35
CA SER B 174 -21.19 23.54 -9.59
C SER B 174 -20.32 24.67 -9.07
N VAL B 175 -19.17 24.30 -8.50
CA VAL B 175 -18.23 25.27 -7.95
C VAL B 175 -17.68 26.24 -8.99
N GLU B 176 -17.27 25.71 -10.13
CA GLU B 176 -16.73 26.57 -11.17
C GLU B 176 -17.73 27.63 -11.59
N LEU B 177 -18.99 27.23 -11.76
CA LEU B 177 -20.03 28.16 -12.16
C LEU B 177 -20.37 29.16 -11.05
N LEU B 178 -20.69 28.65 -9.86
CA LEU B 178 -21.06 29.51 -8.74
C LEU B 178 -19.95 30.46 -8.30
N ASN B 179 -18.70 30.11 -8.59
CA ASN B 179 -17.58 30.97 -8.23
C ASN B 179 -17.59 32.26 -9.05
N THR B 180 -18.43 32.29 -10.08
CA THR B 180 -18.52 33.47 -10.95
C THR B 180 -19.76 34.30 -10.62
N ILE B 181 -20.44 33.94 -9.54
CA ILE B 181 -21.66 34.63 -9.12
C ILE B 181 -21.42 35.45 -7.85
N SER B 182 -21.73 36.74 -7.88
CA SER B 182 -21.55 37.58 -6.70
C SER B 182 -22.88 37.98 -6.10
N TYR B 183 -23.96 37.88 -6.86
CA TYR B 183 -25.28 38.25 -6.36
C TYR B 183 -25.96 37.15 -5.57
N SER B 184 -26.95 37.53 -4.76
CA SER B 184 -27.68 36.56 -3.95
C SER B 184 -28.61 35.74 -4.84
N VAL B 185 -28.75 34.46 -4.51
CA VAL B 185 -29.62 33.56 -5.26
C VAL B 185 -30.67 33.01 -4.31
N MSE B 186 -31.94 33.21 -4.66
CA MSE B 186 -33.08 32.75 -3.86
C MSE B 186 -32.94 32.95 -2.36
O MSE B 186 -33.25 32.06 -1.56
CB MSE B 186 -33.35 31.26 -4.13
CG MSE B 186 -33.78 30.97 -5.55
SE MSE B 186 -34.09 29.09 -5.79
CE MSE B 186 -32.32 28.45 -5.28
N ALA B 187 -32.49 34.15 -1.96
CA ALA B 187 -32.31 34.46 -0.55
C ALA B 187 -33.60 34.22 0.24
N GLN B 188 -34.73 34.50 -0.40
CA GLN B 188 -36.03 34.35 0.24
C GLN B 188 -36.42 32.88 0.48
N TYR B 189 -35.79 31.96 -0.24
CA TYR B 189 -36.10 30.54 -0.11
C TYR B 189 -34.93 29.69 0.39
N ASP B 190 -33.81 30.34 0.65
CA ASP B 190 -32.60 29.67 1.12
C ASP B 190 -32.58 29.57 2.65
N LEU B 191 -32.96 28.42 3.18
CA LEU B 191 -33.01 28.20 4.62
C LEU B 191 -31.63 27.89 5.19
N ILE B 192 -30.65 27.72 4.32
CA ILE B 192 -29.30 27.38 4.76
C ILE B 192 -28.35 28.58 4.82
N TYR B 193 -28.21 29.30 3.71
CA TYR B 193 -27.28 30.43 3.65
C TYR B 193 -27.90 31.77 3.26
N ASN B 194 -29.22 31.85 3.25
CA ASN B 194 -29.92 33.08 2.91
C ASN B 194 -29.42 33.74 1.61
N GLY B 195 -29.19 32.93 0.59
CA GLY B 195 -28.77 33.45 -0.70
C GLY B 195 -27.30 33.71 -0.94
N ASN B 196 -26.47 33.53 0.09
CA ASN B 196 -25.04 33.77 -0.04
C ASN B 196 -24.37 32.64 -0.83
N VAL B 197 -24.14 32.89 -2.11
CA VAL B 197 -23.52 31.90 -2.99
C VAL B 197 -22.12 31.50 -2.54
N GLN B 198 -21.36 32.44 -2.00
CA GLN B 198 -20.00 32.12 -1.55
C GLN B 198 -20.03 31.02 -0.51
N ASN B 199 -21.08 31.02 0.31
CA ASN B 199 -21.23 30.00 1.34
C ASN B 199 -21.62 28.66 0.71
N TRP B 200 -22.44 28.69 -0.34
CA TRP B 200 -22.82 27.46 -1.01
C TRP B 200 -21.59 26.81 -1.65
N VAL B 201 -20.66 27.64 -2.12
CA VAL B 201 -19.43 27.14 -2.73
C VAL B 201 -18.60 26.44 -1.65
N LYS B 202 -18.52 27.06 -0.48
CA LYS B 202 -17.77 26.47 0.63
C LYS B 202 -18.36 25.10 1.01
N LEU B 203 -19.69 25.00 0.96
CA LEU B 203 -20.34 23.75 1.29
C LEU B 203 -20.00 22.71 0.22
N ALA B 204 -20.11 23.11 -1.04
CA ALA B 204 -19.80 22.24 -2.16
C ALA B 204 -18.37 21.72 -2.04
N ASN B 205 -17.43 22.61 -1.72
CA ASN B 205 -16.04 22.20 -1.59
C ASN B 205 -15.83 21.32 -0.37
N SER B 206 -16.62 21.55 0.68
CA SER B 206 -16.50 20.77 1.89
C SER B 206 -16.96 19.34 1.62
N LEU B 207 -18.02 19.20 0.82
CA LEU B 207 -18.54 17.87 0.49
C LEU B 207 -17.51 17.18 -0.38
N MSE B 208 -16.87 17.94 -1.26
CA MSE B 208 -15.84 17.39 -2.13
C MSE B 208 -14.72 16.84 -1.26
O MSE B 208 -14.17 15.77 -1.52
CB MSE B 208 -15.31 18.49 -3.05
CG MSE B 208 -14.39 18.00 -4.16
SE MSE B 208 -13.69 19.50 -5.19
CE MSE B 208 -15.36 20.16 -5.90
N LEU B 209 -14.40 17.56 -0.19
CA LEU B 209 -13.36 17.15 0.75
C LEU B 209 -13.76 15.85 1.44
N ARG B 210 -15.00 15.81 1.93
CA ARG B 210 -15.52 14.64 2.62
C ARG B 210 -15.45 13.41 1.71
N ILE B 211 -15.86 13.60 0.47
CA ILE B 211 -15.86 12.52 -0.51
C ILE B 211 -14.46 12.02 -0.87
N VAL B 212 -13.52 12.95 -1.05
CA VAL B 212 -12.16 12.53 -1.39
C VAL B 212 -11.56 11.71 -0.27
N VAL B 213 -11.80 12.12 0.98
CA VAL B 213 -11.27 11.37 2.11
C VAL B 213 -11.97 10.01 2.17
N ARG B 214 -13.25 9.98 1.78
CA ARG B 214 -14.02 8.75 1.77
C ARG B 214 -13.44 7.70 0.81
N VAL B 215 -12.84 8.15 -0.29
CA VAL B 215 -12.31 7.20 -1.27
C VAL B 215 -10.80 7.00 -1.26
N HIS B 216 -10.07 7.75 -0.44
CA HIS B 216 -8.61 7.64 -0.45
C HIS B 216 -8.06 6.24 -0.20
N PHE B 217 -8.69 5.47 0.67
CA PHE B 217 -8.22 4.11 0.94
C PHE B 217 -8.43 3.20 -0.26
N ILE B 218 -9.61 3.29 -0.88
CA ILE B 218 -9.94 2.46 -2.03
C ILE B 218 -9.34 2.95 -3.35
N ASP B 219 -9.29 4.27 -3.54
CA ASP B 219 -8.75 4.84 -4.78
C ASP B 219 -8.06 6.17 -4.48
N GLU B 220 -6.79 6.08 -4.09
CA GLU B 220 -6.01 7.26 -3.76
C GLU B 220 -5.87 8.23 -4.93
N THR B 221 -5.86 7.70 -6.14
CA THR B 221 -5.75 8.52 -7.35
C THR B 221 -6.92 9.49 -7.43
N LEU B 222 -8.14 8.97 -7.27
CA LEU B 222 -9.34 9.79 -7.33
C LEU B 222 -9.27 10.84 -6.23
N ALA B 223 -8.96 10.41 -5.01
CA ALA B 223 -8.86 11.32 -3.87
C ALA B 223 -7.93 12.49 -4.20
N LYS B 224 -6.77 12.19 -4.78
CA LYS B 224 -5.81 13.23 -5.13
C LYS B 224 -6.35 14.10 -6.26
N GLU B 225 -7.10 13.52 -7.16
CA GLU B 225 -7.65 14.26 -8.28
C GLU B 225 -8.57 15.41 -7.87
N TYR B 226 -9.11 15.36 -6.65
CA TYR B 226 -10.02 16.41 -6.19
C TYR B 226 -9.73 17.06 -4.84
N ILE B 227 -9.01 16.38 -3.96
CA ILE B 227 -8.77 16.97 -2.65
C ILE B 227 -8.01 18.28 -2.71
N THR B 228 -7.10 18.40 -3.68
CA THR B 228 -6.32 19.62 -3.85
C THR B 228 -7.19 20.75 -4.38
N LYS B 229 -8.12 20.42 -5.28
CA LYS B 229 -9.02 21.41 -5.86
C LYS B 229 -10.03 21.91 -4.83
N ALA B 230 -10.41 21.03 -3.92
CA ALA B 230 -11.36 21.38 -2.88
C ALA B 230 -10.78 22.39 -1.90
N LEU B 231 -9.51 22.21 -1.55
CA LEU B 231 -8.85 23.09 -0.60
C LEU B 231 -8.14 24.30 -1.22
N ASP B 232 -7.98 24.31 -2.54
CA ASP B 232 -7.32 25.43 -3.20
C ASP B 232 -8.11 26.72 -2.98
N PRO B 233 -7.47 27.72 -2.35
CA PRO B 233 -8.10 29.01 -2.06
C PRO B 233 -8.80 29.69 -3.24
N LYS B 234 -8.25 29.55 -4.44
CA LYS B 234 -8.87 30.18 -5.60
C LYS B 234 -10.22 29.57 -5.95
N ASN B 235 -10.53 28.42 -5.34
CA ASN B 235 -11.80 27.75 -5.64
C ASN B 235 -12.94 28.07 -4.67
N GLY B 236 -12.69 28.96 -3.71
CA GLY B 236 -13.73 29.34 -2.77
C GLY B 236 -13.55 28.90 -1.34
N GLY B 237 -12.65 27.95 -1.10
CA GLY B 237 -12.43 27.47 0.25
C GLY B 237 -13.48 26.51 0.76
N VAL B 238 -13.27 25.99 1.96
CA VAL B 238 -14.19 25.05 2.60
C VAL B 238 -14.76 25.69 3.85
N ILE B 239 -15.67 24.99 4.51
CA ILE B 239 -16.27 25.49 5.75
C ILE B 239 -15.23 25.39 6.85
N GLU B 240 -14.69 26.53 7.27
CA GLU B 240 -13.68 26.53 8.32
C GLU B 240 -14.09 27.28 9.56
N ASP B 241 -15.18 28.04 9.46
CA ASP B 241 -15.69 28.82 10.57
C ASP B 241 -17.10 28.38 10.89
N ILE B 242 -17.47 28.46 12.17
CA ILE B 242 -18.80 28.07 12.59
C ILE B 242 -19.85 28.90 11.84
N SER B 243 -19.50 30.12 11.48
CA SER B 243 -20.41 31.01 10.78
C SER B 243 -20.76 30.51 9.37
N SER B 244 -19.92 29.63 8.82
CA SER B 244 -20.16 29.10 7.48
C SER B 244 -20.78 27.71 7.50
N GLU B 245 -21.10 27.18 8.68
CA GLU B 245 -21.69 25.84 8.78
C GLU B 245 -23.02 25.76 8.05
N ALA B 246 -23.34 24.56 7.59
CA ALA B 246 -24.59 24.31 6.88
C ALA B 246 -25.56 23.62 7.84
N LYS B 247 -26.64 24.31 8.18
CA LYS B 247 -27.64 23.75 9.10
C LYS B 247 -29.01 24.27 8.76
N ILE B 248 -30.04 23.54 9.18
CA ILE B 248 -31.41 23.95 8.92
C ILE B 248 -32.20 23.97 10.23
N LYS B 249 -32.92 25.05 10.46
CA LYS B 249 -33.75 25.19 11.66
C LYS B 249 -34.93 26.09 11.35
N SER B 250 -35.88 26.17 12.27
CA SER B 250 -37.05 27.01 12.09
C SER B 250 -36.61 28.45 11.85
N SER B 251 -37.36 29.16 11.00
CA SER B 251 -37.08 30.57 10.70
C SER B 251 -38.36 31.19 10.16
N ASP B 252 -38.37 32.52 10.01
CA ASP B 252 -39.55 33.19 9.50
C ASP B 252 -39.83 32.78 8.06
N LYS B 253 -38.77 32.45 7.32
CA LYS B 253 -38.95 32.03 5.92
C LYS B 253 -39.69 30.70 5.84
N MSE B 254 -39.48 29.86 6.85
CA MSE B 254 -40.12 28.55 6.90
C MSE B 254 -40.11 28.01 8.33
O MSE B 254 -39.11 27.44 8.77
CB MSE B 254 -39.42 27.58 5.96
CG MSE B 254 -39.98 26.15 5.97
SE MSE B 254 -41.84 26.00 5.42
CE MSE B 254 -42.26 24.27 6.17
N PRO B 255 -41.21 28.20 9.07
CA PRO B 255 -41.27 27.69 10.45
C PRO B 255 -41.05 26.17 10.41
N LEU B 256 -40.24 25.65 11.32
CA LEU B 256 -39.97 24.22 11.36
C LEU B 256 -39.97 23.66 12.79
N LEU B 257 -40.32 22.39 12.92
CA LEU B 257 -40.35 21.72 14.21
C LEU B 257 -39.23 20.68 14.15
N ASN B 258 -38.27 20.74 15.06
CA ASN B 258 -37.19 19.77 15.00
C ASN B 258 -37.80 18.37 15.02
N SER B 259 -37.46 17.61 14.00
CA SER B 259 -37.98 16.26 13.81
C SER B 259 -37.51 15.19 14.80
N MSE B 260 -36.64 15.54 15.74
CA MSE B 260 -36.20 14.58 16.75
C MSE B 260 -37.23 14.50 17.87
O MSE B 260 -37.35 13.48 18.56
CB MSE B 260 -34.86 14.98 17.36
CG MSE B 260 -33.66 14.83 16.43
SE MSE B 260 -32.01 15.33 17.36
CE MSE B 260 -31.89 13.81 18.56
N LEU B 261 -37.99 15.58 18.07
CA LEU B 261 -38.98 15.63 19.14
C LEU B 261 -40.01 14.51 19.16
N ALA B 262 -40.50 14.10 18.00
CA ALA B 262 -41.49 13.04 17.93
C ALA B 262 -41.02 11.76 18.62
N SER B 263 -39.88 11.24 18.19
CA SER B 263 -39.36 10.02 18.77
C SER B 263 -38.81 10.18 20.18
N VAL B 264 -38.33 11.38 20.50
CA VAL B 264 -37.78 11.62 21.83
C VAL B 264 -38.85 11.85 22.90
N ASN B 265 -39.80 12.74 22.61
CA ASN B 265 -40.82 13.06 23.60
C ASN B 265 -42.22 12.51 23.37
N GLU B 266 -42.66 12.43 22.12
CA GLU B 266 -44.01 11.94 21.83
C GLU B 266 -44.12 10.43 21.94
N TYR B 267 -43.20 9.72 21.29
CA TYR B 267 -43.22 8.26 21.33
C TYR B 267 -42.35 7.69 22.46
N ASN B 268 -41.47 8.52 23.01
CA ASN B 268 -40.57 8.10 24.08
C ASN B 268 -39.73 6.90 23.66
N GLU B 269 -39.22 6.92 22.44
CA GLU B 269 -38.42 5.80 21.94
C GLU B 269 -36.93 6.08 21.77
N THR B 270 -36.57 7.32 21.49
CA THR B 270 -35.16 7.67 21.32
C THR B 270 -34.49 8.21 22.58
N ARG B 271 -33.45 7.52 23.01
CA ARG B 271 -32.69 7.88 24.21
C ARG B 271 -31.20 7.89 23.90
N MSE B 272 -30.40 8.34 24.86
CA MSE B 272 -28.95 8.40 24.70
C MSE B 272 -28.38 7.01 24.42
O MSE B 272 -28.75 6.04 25.07
CB MSE B 272 -28.30 8.95 25.98
CG MSE B 272 -26.77 9.05 25.91
SE MSE B 272 -26.03 9.78 27.56
CE MSE B 272 -26.38 8.25 28.69
N GLY B 273 -27.47 6.93 23.45
CA GLY B 273 -26.87 5.65 23.10
C GLY B 273 -25.73 5.26 24.02
N ALA B 274 -25.47 3.96 24.11
CA ALA B 274 -24.42 3.46 24.98
C ALA B 274 -23.00 3.76 24.48
N THR B 275 -22.81 3.70 23.16
CA THR B 275 -21.48 3.96 22.61
C THR B 275 -21.02 5.40 22.86
N ILE B 276 -21.85 6.37 22.48
CA ILE B 276 -21.47 7.75 22.67
C ILE B 276 -21.29 8.05 24.16
N TRP B 277 -22.15 7.48 25.00
CA TRP B 277 -22.04 7.69 26.44
C TRP B 277 -20.69 7.18 26.93
N GLY B 278 -20.33 5.97 26.49
CA GLY B 278 -19.08 5.36 26.89
C GLY B 278 -17.88 6.26 26.68
N TYR B 279 -17.81 6.88 25.51
CA TYR B 279 -16.72 7.79 25.18
C TYR B 279 -16.80 9.09 25.98
N LEU B 280 -17.99 9.69 26.01
CA LEU B 280 -18.17 10.95 26.73
C LEU B 280 -17.84 10.81 28.22
N ASP B 281 -18.27 9.71 28.82
CA ASP B 281 -18.01 9.46 30.23
C ASP B 281 -16.53 9.19 30.48
N GLY B 282 -15.99 8.19 29.80
CA GLY B 282 -14.60 7.84 29.96
C GLY B 282 -13.62 8.96 29.68
N TYR B 283 -13.96 9.81 28.71
CA TYR B 283 -13.10 10.93 28.34
C TYR B 283 -13.34 12.17 29.22
N LYS B 284 -14.28 12.07 30.16
CA LYS B 284 -14.62 13.21 31.01
C LYS B 284 -14.92 14.37 30.07
N ASP B 285 -15.68 14.05 29.03
CA ASP B 285 -16.05 15.00 27.99
C ASP B 285 -17.17 15.94 28.42
N PRO B 286 -16.92 17.26 28.36
CA PRO B 286 -17.95 18.22 28.77
C PRO B 286 -19.14 18.26 27.81
N ARG B 287 -19.01 17.66 26.64
CA ARG B 287 -20.12 17.66 25.68
C ARG B 287 -21.23 16.72 26.15
N LEU B 288 -20.96 15.95 27.20
CA LEU B 288 -21.95 15.03 27.73
C LEU B 288 -23.23 15.74 28.15
N SER B 289 -23.11 16.78 28.96
CA SER B 289 -24.27 17.52 29.43
C SER B 289 -24.80 18.47 28.36
N ALA B 290 -24.01 18.68 27.32
CA ALA B 290 -24.43 19.55 26.22
C ALA B 290 -25.34 18.74 25.30
N TYR B 291 -25.05 17.46 25.17
CA TYR B 291 -25.81 16.57 24.29
C TYR B 291 -27.02 15.90 24.94
N PHE B 292 -26.87 15.44 26.18
CA PHE B 292 -27.95 14.72 26.84
C PHE B 292 -28.34 15.20 28.22
N THR B 293 -29.54 14.80 28.61
CA THR B 293 -30.08 15.13 29.93
C THR B 293 -29.76 13.94 30.81
N GLU B 294 -29.88 14.12 32.12
CA GLU B 294 -29.65 13.03 33.04
C GLU B 294 -30.97 12.28 33.14
N GLY B 295 -30.91 10.97 33.27
CA GLY B 295 -32.12 10.19 33.38
C GLY B 295 -32.41 9.86 34.83
N THR B 296 -33.56 9.23 35.09
CA THR B 296 -33.92 8.84 36.44
C THR B 296 -34.32 7.39 36.47
N TYR B 297 -33.93 6.71 37.55
CA TYR B 297 -34.23 5.30 37.74
C TYR B 297 -34.95 5.23 39.08
N GLY B 298 -36.23 4.90 39.05
CA GLY B 298 -37.02 4.83 40.27
C GLY B 298 -37.60 6.20 40.60
N SER B 299 -38.09 6.36 41.82
CA SER B 299 -38.68 7.63 42.24
C SER B 299 -38.55 7.79 43.75
N GLY B 300 -39.02 8.92 44.27
CA GLY B 300 -38.95 9.14 45.70
C GLY B 300 -37.54 9.29 46.22
N SER B 301 -37.32 8.86 47.46
CA SER B 301 -36.00 8.97 48.06
C SER B 301 -35.08 7.82 47.63
N TRP B 302 -35.60 6.89 46.84
CA TRP B 302 -34.81 5.76 46.37
C TRP B 302 -34.41 5.90 44.90
N ALA B 303 -34.86 6.99 44.28
CA ALA B 303 -34.55 7.22 42.88
C ALA B 303 -33.06 7.47 42.67
N GLN B 304 -32.56 7.03 41.52
CA GLN B 304 -31.16 7.22 41.15
C GLN B 304 -31.16 8.18 39.97
N THR B 305 -30.23 9.13 39.97
CA THR B 305 -30.14 10.10 38.90
C THR B 305 -28.76 10.05 38.25
N GLY B 306 -28.70 10.27 36.94
CA GLY B 306 -27.44 10.23 36.24
C GLY B 306 -27.58 9.99 34.75
N TYR B 307 -26.46 9.77 34.09
CA TYR B 307 -26.46 9.52 32.65
C TYR B 307 -26.61 8.03 32.37
N PHE B 308 -27.84 7.62 32.07
CA PHE B 308 -28.18 6.22 31.81
C PHE B 308 -28.48 6.00 30.34
N PRO B 309 -27.62 5.25 29.63
CA PRO B 309 -27.84 5.01 28.21
C PRO B 309 -28.67 3.74 27.96
N VAL B 310 -29.09 3.58 26.72
CA VAL B 310 -29.85 2.41 26.28
C VAL B 310 -28.96 1.71 25.28
N ALA B 311 -28.79 0.40 25.46
CA ALA B 311 -27.93 -0.39 24.60
C ALA B 311 -28.32 -0.34 23.12
N PRO B 312 -27.34 -0.53 22.22
CA PRO B 312 -27.61 -0.50 20.79
C PRO B 312 -28.42 -1.73 20.38
N THR B 313 -29.30 -1.56 19.40
CA THR B 313 -30.16 -2.64 18.93
C THR B 313 -30.79 -3.36 20.13
N ASN B 314 -31.52 -2.58 20.92
CA ASN B 314 -32.22 -3.05 22.10
C ASN B 314 -33.15 -4.22 21.80
N SER B 315 -33.08 -5.26 22.64
CA SER B 315 -33.91 -6.44 22.45
C SER B 315 -35.19 -6.37 23.29
N LYS B 316 -35.27 -5.41 24.21
CA LYS B 316 -36.43 -5.27 25.07
C LYS B 316 -37.58 -4.49 24.44
N SER B 317 -38.80 -4.84 24.81
CA SER B 317 -39.97 -4.16 24.30
C SER B 317 -40.04 -2.80 25.01
N LYS B 318 -40.87 -1.89 24.51
CA LYS B 318 -41.00 -0.57 25.10
C LYS B 318 -41.59 -0.64 26.51
N SER B 319 -41.10 0.23 27.39
CA SER B 319 -41.60 0.28 28.76
C SER B 319 -41.71 1.73 29.21
N GLU B 320 -42.63 1.99 30.13
CA GLU B 320 -42.81 3.34 30.63
C GLU B 320 -42.83 3.44 32.15
N THR B 321 -42.32 2.40 32.83
CA THR B 321 -42.28 2.43 34.29
C THR B 321 -41.15 3.35 34.75
N SER B 322 -41.15 3.69 36.03
CA SER B 322 -40.11 4.57 36.58
C SER B 322 -38.73 3.94 36.53
N TYR B 323 -38.66 2.66 36.19
CA TYR B 323 -37.38 1.95 36.09
C TYR B 323 -37.05 1.62 34.64
N SER B 324 -37.82 2.19 33.71
CA SER B 324 -37.63 1.89 32.28
C SER B 324 -36.83 2.93 31.50
N ALA B 325 -36.51 2.57 30.25
CA ALA B 325 -35.76 3.43 29.36
C ALA B 325 -36.52 4.72 29.04
N LYS B 326 -37.80 4.78 29.39
CA LYS B 326 -38.57 5.98 29.16
C LYS B 326 -37.93 7.12 29.94
N PHE B 327 -37.26 6.77 31.04
CA PHE B 327 -36.61 7.78 31.85
C PHE B 327 -35.09 7.72 31.80
N ALA B 328 -34.56 7.09 30.76
CA ALA B 328 -33.12 7.02 30.57
C ALA B 328 -32.74 8.41 30.05
N SER B 329 -31.44 8.68 29.93
CA SER B 329 -30.99 9.97 29.42
C SER B 329 -31.56 10.22 28.02
N ARG B 330 -31.92 11.45 27.73
CA ARG B 330 -32.50 11.81 26.44
C ARG B 330 -31.68 12.85 25.71
N PRO B 331 -31.77 12.88 24.38
CA PRO B 331 -31.02 13.88 23.62
C PRO B 331 -31.64 15.23 24.00
N LYS B 332 -30.82 16.25 24.21
CA LYS B 332 -31.36 17.58 24.52
C LYS B 332 -31.75 18.20 23.19
N VAL B 333 -32.97 18.72 23.11
CA VAL B 333 -33.43 19.31 21.87
C VAL B 333 -34.79 19.95 22.05
N ASP B 334 -35.04 21.02 21.32
CA ASP B 334 -36.32 21.68 21.38
C ASP B 334 -36.80 22.00 19.96
N SER B 335 -38.02 22.51 19.85
CA SER B 335 -38.61 22.83 18.56
C SER B 335 -37.74 23.63 17.61
N ASN B 336 -37.05 24.63 18.13
CA ASN B 336 -36.20 25.48 17.31
C ASN B 336 -34.78 24.97 17.11
N SER B 337 -34.50 23.76 17.60
CA SER B 337 -33.17 23.17 17.43
C SER B 337 -32.92 22.86 15.97
N PRO B 338 -31.67 23.01 15.51
CA PRO B 338 -31.36 22.71 14.12
C PRO B 338 -30.89 21.29 13.88
N LEU B 339 -30.76 20.93 12.62
CA LEU B 339 -30.23 19.64 12.18
C LEU B 339 -29.04 20.11 11.34
N TYR B 340 -27.91 19.42 11.47
CA TYR B 340 -26.70 19.83 10.77
C TYR B 340 -26.34 19.02 9.52
N TRP B 341 -25.96 19.74 8.46
CA TRP B 341 -25.54 19.11 7.21
C TRP B 341 -24.02 18.96 7.21
N PHE B 342 -23.33 20.05 7.52
CA PHE B 342 -21.87 20.05 7.55
C PHE B 342 -21.39 21.16 8.48
N ARG B 343 -20.52 20.81 9.43
CA ARG B 343 -19.99 21.79 10.38
C ARG B 343 -18.48 21.96 10.22
N ALA B 344 -17.98 23.11 10.66
CA ALA B 344 -16.56 23.41 10.56
C ALA B 344 -15.67 22.36 11.24
N SER B 345 -16.10 21.84 12.39
CA SER B 345 -15.29 20.84 13.09
C SER B 345 -14.95 19.64 12.23
N GLU B 346 -15.87 19.24 11.36
CA GLU B 346 -15.63 18.09 10.48
C GLU B 346 -14.50 18.33 9.49
N THR B 347 -14.43 19.54 8.94
CA THR B 347 -13.38 19.85 7.97
C THR B 347 -11.98 19.65 8.58
N TYR B 348 -11.81 20.03 9.84
CA TYR B 348 -10.51 19.88 10.46
C TYR B 348 -10.13 18.42 10.68
N PHE B 349 -11.12 17.58 10.97
CA PHE B 349 -10.84 16.16 11.16
C PHE B 349 -10.58 15.51 9.82
N LEU B 350 -11.23 16.01 8.77
CA LEU B 350 -11.01 15.49 7.42
C LEU B 350 -9.59 15.87 6.98
N LYS B 351 -9.19 17.11 7.22
CA LYS B 351 -7.85 17.55 6.87
C LYS B 351 -6.83 16.76 7.70
N ALA B 352 -7.19 16.46 8.94
CA ALA B 352 -6.32 15.69 9.83
C ALA B 352 -6.00 14.34 9.20
N GLU B 353 -7.03 13.65 8.73
CA GLU B 353 -6.84 12.34 8.09
C GLU B 353 -6.08 12.51 6.78
N ALA B 354 -6.50 13.49 5.98
CA ALA B 354 -5.85 13.74 4.70
C ALA B 354 -4.37 13.99 4.91
N ALA B 355 -4.04 14.76 5.94
CA ALA B 355 -2.64 15.07 6.23
C ALA B 355 -1.91 13.82 6.70
N LEU B 356 -2.58 13.01 7.52
CA LEU B 356 -1.98 11.79 8.04
C LEU B 356 -1.51 10.85 6.93
N TYR B 357 -2.24 10.85 5.81
CA TYR B 357 -1.89 10.01 4.68
C TYR B 357 -1.23 10.77 3.55
N ASN B 358 -0.63 11.90 3.90
CA ASN B 358 0.10 12.75 2.96
C ASN B 358 -0.68 13.17 1.72
N LEU B 359 -1.97 13.44 1.87
CA LEU B 359 -2.79 13.87 0.75
C LEU B 359 -2.73 15.39 0.68
N ILE B 360 -2.42 16.01 1.81
CA ILE B 360 -2.30 17.46 1.90
C ILE B 360 -1.18 17.82 2.85
N GLY B 361 -0.72 19.07 2.77
CA GLY B 361 0.36 19.50 3.65
C GLY B 361 -0.20 19.81 5.02
N GLY B 362 0.69 20.00 6.00
CA GLY B 362 0.22 20.31 7.33
C GLY B 362 0.52 19.23 8.35
N ASP B 363 0.21 19.53 9.60
CA ASP B 363 0.43 18.61 10.71
C ASP B 363 -0.89 18.00 11.18
N PRO B 364 -1.04 16.67 11.06
CA PRO B 364 -2.28 16.03 11.48
C PRO B 364 -2.69 16.32 12.92
N LYS B 365 -1.72 16.39 13.84
CA LYS B 365 -2.03 16.69 15.23
C LYS B 365 -2.67 18.07 15.36
N THR B 366 -2.12 19.03 14.62
CA THR B 366 -2.63 20.40 14.65
C THR B 366 -4.09 20.47 14.19
N PHE B 367 -4.39 19.80 13.08
CA PHE B 367 -5.76 19.80 12.57
C PHE B 367 -6.67 19.08 13.54
N TYR B 368 -6.18 17.99 14.12
CA TYR B 368 -6.93 17.20 15.09
C TYR B 368 -7.33 18.04 16.29
N GLU B 369 -6.36 18.73 16.88
CA GLU B 369 -6.65 19.55 18.05
C GLU B 369 -7.51 20.77 17.71
N GLN B 370 -7.40 21.29 16.50
CA GLN B 370 -8.22 22.44 16.12
C GLN B 370 -9.66 21.96 15.96
N GLY B 371 -9.81 20.75 15.45
CA GLY B 371 -11.14 20.19 15.27
C GLY B 371 -11.85 20.04 16.59
N ILE B 372 -11.15 19.50 17.59
CA ILE B 372 -11.72 19.33 18.91
C ILE B 372 -12.08 20.71 19.49
N ASN B 373 -11.16 21.66 19.33
CA ASN B 373 -11.35 23.02 19.81
C ASN B 373 -12.62 23.59 19.17
N ILE B 374 -12.72 23.47 17.85
CA ILE B 374 -13.88 23.95 17.10
C ILE B 374 -15.17 23.30 17.59
N SER B 375 -15.13 21.99 17.82
CA SER B 375 -16.32 21.29 18.29
C SER B 375 -16.77 21.84 19.63
N PHE B 376 -15.83 22.04 20.56
CA PHE B 376 -16.18 22.56 21.88
C PHE B 376 -16.84 23.93 21.71
N GLN B 377 -16.36 24.72 20.77
CA GLN B 377 -16.93 26.03 20.52
C GLN B 377 -18.34 25.86 19.95
N GLU B 378 -18.48 24.98 18.98
CA GLU B 378 -19.78 24.74 18.37
C GLU B 378 -20.78 24.34 19.46
N GLN B 379 -20.34 23.53 20.41
CA GLN B 379 -21.20 23.04 21.47
C GLN B 379 -21.32 23.98 22.69
N GLY B 380 -20.57 25.06 22.68
CA GLY B 380 -20.63 26.01 23.79
C GLY B 380 -20.03 25.54 25.11
N VAL B 381 -19.08 24.62 25.06
CA VAL B 381 -18.43 24.13 26.27
C VAL B 381 -16.96 24.51 26.29
N SER B 382 -16.34 24.45 27.46
CA SER B 382 -14.93 24.80 27.57
C SER B 382 -14.13 23.69 28.23
N GLY B 383 -12.86 23.96 28.50
CA GLY B 383 -12.01 22.96 29.13
C GLY B 383 -11.27 22.11 28.12
N VAL B 384 -11.14 22.62 26.90
CA VAL B 384 -10.46 21.89 25.84
C VAL B 384 -9.01 21.57 26.21
N ALA B 385 -8.33 22.53 26.81
CA ALA B 385 -6.93 22.34 27.21
C ALA B 385 -6.82 21.07 28.05
N THR B 386 -7.65 20.96 29.08
CA THR B 386 -7.63 19.78 29.93
C THR B 386 -8.06 18.53 29.18
N TYR B 387 -9.04 18.67 28.29
CA TYR B 387 -9.54 17.53 27.54
C TYR B 387 -8.46 16.94 26.64
N LEU B 388 -7.66 17.80 26.02
CA LEU B 388 -6.60 17.38 25.12
C LEU B 388 -5.44 16.67 25.82
N SER B 389 -5.42 16.75 27.15
CA SER B 389 -4.37 16.11 27.94
C SER B 389 -4.84 14.79 28.57
N GLY B 390 -6.14 14.52 28.46
CA GLY B 390 -6.69 13.31 29.04
C GLY B 390 -6.20 12.02 28.43
N THR B 391 -5.93 11.04 29.27
CA THR B 391 -5.45 9.74 28.80
C THR B 391 -6.45 8.65 29.18
N GLY B 392 -7.65 9.07 29.58
CA GLY B 392 -8.66 8.10 29.95
C GLY B 392 -9.24 7.41 28.73
N LYS B 393 -9.74 6.19 28.93
CA LYS B 393 -10.34 5.40 27.86
C LYS B 393 -11.86 5.38 28.02
N PRO B 394 -12.60 4.99 26.96
CA PRO B 394 -14.05 4.95 27.07
C PRO B 394 -14.51 3.96 28.14
N THR B 395 -15.70 4.21 28.69
CA THR B 395 -16.26 3.37 29.74
C THR B 395 -17.14 2.26 29.19
N GLY B 396 -17.01 1.07 29.76
CA GLY B 396 -17.81 -0.05 29.31
C GLY B 396 -19.13 -0.19 30.07
N LEU B 397 -19.92 -1.17 29.67
CA LEU B 397 -21.21 -1.43 30.30
C LEU B 397 -21.21 -2.85 30.85
N THR B 398 -21.69 -3.01 32.08
CA THR B 398 -21.73 -4.33 32.70
C THR B 398 -23.10 -4.68 33.28
N GLY B 399 -23.19 -5.88 33.85
CA GLY B 399 -24.44 -6.35 34.43
C GLY B 399 -25.10 -5.38 35.39
N SER B 400 -24.29 -4.75 36.25
CA SER B 400 -24.84 -3.80 37.21
C SER B 400 -25.11 -2.49 36.51
N ASN B 401 -24.03 -1.90 35.99
CA ASN B 401 -24.06 -0.63 35.29
C ASN B 401 -25.33 -0.40 34.45
N TYR B 402 -25.58 -1.31 33.50
CA TYR B 402 -26.74 -1.19 32.63
C TYR B 402 -28.04 -1.43 33.39
N LYS B 403 -28.96 -0.47 33.29
CA LYS B 403 -30.22 -0.55 34.02
C LYS B 403 -31.42 -1.15 33.30
N TYR B 404 -31.29 -1.42 32.00
CA TYR B 404 -32.44 -1.93 31.27
C TYR B 404 -32.38 -3.33 30.69
N GLY B 405 -31.77 -4.25 31.44
CA GLY B 405 -31.70 -5.61 30.96
C GLY B 405 -30.30 -6.19 31.05
N THR B 406 -30.12 -7.36 30.47
CA THR B 406 -28.83 -8.02 30.50
C THR B 406 -27.99 -7.60 29.30
N TYR B 407 -27.01 -6.74 29.53
CA TYR B 407 -26.13 -6.27 28.47
C TYR B 407 -24.73 -6.04 29.03
N ASN B 408 -23.73 -6.56 28.33
CA ASN B 408 -22.36 -6.42 28.79
C ASN B 408 -21.37 -6.21 27.64
N HIS B 409 -20.59 -5.15 27.70
CA HIS B 409 -19.57 -4.88 26.68
C HIS B 409 -18.53 -3.89 27.17
N ASP B 410 -17.27 -4.34 27.19
CA ASP B 410 -16.15 -3.52 27.63
C ASP B 410 -15.61 -2.72 26.45
N LEU B 411 -16.08 -1.49 26.31
CA LEU B 411 -15.67 -0.63 25.21
C LEU B 411 -14.20 -0.19 25.30
N SER B 412 -13.65 -0.18 26.51
CA SER B 412 -12.27 0.24 26.72
C SER B 412 -11.21 -0.68 26.14
N ILE B 413 -11.56 -1.94 25.92
CA ILE B 413 -10.60 -2.91 25.40
C ILE B 413 -9.91 -2.48 24.11
N GLY B 414 -8.58 -2.37 24.18
CA GLY B 414 -7.79 -1.98 23.03
C GLY B 414 -8.18 -0.63 22.44
N ASN B 415 -8.92 0.16 23.20
CA ASN B 415 -9.37 1.47 22.72
C ASN B 415 -8.34 2.57 22.96
N THR B 416 -8.61 3.78 22.48
CA THR B 416 -7.67 4.89 22.63
C THR B 416 -8.23 6.10 23.40
N SER B 417 -7.32 6.99 23.78
CA SER B 417 -7.68 8.20 24.53
C SER B 417 -7.68 9.44 23.63
N PRO B 418 -8.08 10.60 24.18
CA PRO B 418 -8.13 11.83 23.40
C PRO B 418 -6.76 12.46 23.16
N LYS B 419 -5.83 12.28 24.11
CA LYS B 419 -4.51 12.87 23.96
C LYS B 419 -3.82 12.31 22.72
N TRP B 420 -3.44 13.20 21.82
CA TRP B 420 -2.80 12.79 20.57
C TRP B 420 -1.56 11.94 20.76
N ASP B 421 -0.67 12.37 21.65
CA ASP B 421 0.58 11.64 21.88
C ASP B 421 0.50 10.43 22.84
N ASP B 422 -0.72 10.06 23.24
CA ASP B 422 -0.91 8.91 24.14
C ASP B 422 -1.36 7.70 23.34
N TYR B 423 -0.46 6.74 23.13
CA TYR B 423 -0.79 5.55 22.35
C TYR B 423 -0.94 4.26 23.15
N THR B 424 -2.05 3.57 22.92
CA THR B 424 -2.32 2.30 23.59
C THR B 424 -1.34 1.24 23.09
N GLY B 425 -0.90 1.42 21.85
CA GLY B 425 0.08 0.49 21.29
C GLY B 425 -0.45 -0.84 20.79
N ASN B 426 -1.77 -1.00 20.73
CA ASN B 426 -2.35 -2.26 20.24
C ASN B 426 -2.32 -2.24 18.71
N LEU B 427 -2.60 -1.09 18.13
CA LEU B 427 -2.57 -0.91 16.69
C LEU B 427 -1.29 -0.16 16.37
N SER B 428 -0.94 -0.06 15.09
CA SER B 428 0.25 0.68 14.69
C SER B 428 0.03 2.12 15.12
N LYS B 429 1.10 2.90 15.18
CA LYS B 429 0.98 4.30 15.57
C LYS B 429 0.06 5.08 14.64
N GLN B 430 0.22 4.86 13.34
CA GLN B 430 -0.58 5.55 12.33
C GLN B 430 -2.06 5.17 12.45
N GLU B 431 -2.33 3.88 12.62
CA GLU B 431 -3.69 3.39 12.76
C GLU B 431 -4.37 3.98 14.00
N GLU B 432 -3.64 4.09 15.11
CA GLU B 432 -4.23 4.64 16.32
C GLU B 432 -4.45 6.14 16.16
N GLN B 433 -3.62 6.79 15.36
CA GLN B 433 -3.80 8.22 15.14
C GLN B 433 -5.10 8.39 14.34
N LEU B 434 -5.31 7.54 13.34
CA LEU B 434 -6.53 7.59 12.54
C LEU B 434 -7.72 7.33 13.48
N GLN B 435 -7.55 6.36 14.37
CA GLN B 435 -8.60 6.01 15.32
C GLN B 435 -8.98 7.22 16.16
N LYS B 436 -7.97 7.95 16.64
CA LYS B 436 -8.25 9.14 17.45
C LYS B 436 -9.03 10.14 16.62
N ILE B 437 -8.59 10.35 15.38
CA ILE B 437 -9.25 11.30 14.48
C ILE B 437 -10.72 10.94 14.24
N ILE B 438 -10.97 9.69 13.90
CA ILE B 438 -12.33 9.24 13.62
C ILE B 438 -13.20 9.22 14.87
N THR B 439 -12.62 8.84 16.00
CA THR B 439 -13.39 8.80 17.24
C THR B 439 -13.82 10.21 17.65
N GLN B 440 -12.91 11.17 17.52
CA GLN B 440 -13.25 12.54 17.87
C GLN B 440 -14.20 13.16 16.84
N LYS B 441 -14.09 12.74 15.58
CA LYS B 441 -14.99 13.26 14.55
C LYS B 441 -16.39 12.74 14.85
N TYR B 442 -16.46 11.48 15.30
CA TYR B 442 -17.72 10.83 15.67
C TYR B 442 -18.42 11.65 16.76
N LEU B 443 -17.65 12.08 17.75
CA LEU B 443 -18.20 12.87 18.85
C LEU B 443 -18.66 14.25 18.36
N ALA B 444 -17.90 14.85 17.46
CA ALA B 444 -18.23 16.17 16.94
C ALA B 444 -19.38 16.14 15.93
N LEU B 445 -19.59 15.00 15.30
CA LEU B 445 -20.65 14.84 14.29
C LEU B 445 -22.05 14.71 14.86
N TYR B 446 -22.16 14.30 16.12
CA TYR B 446 -23.46 14.13 16.75
C TYR B 446 -24.30 15.38 16.55
N PRO B 447 -25.57 15.23 16.14
CA PRO B 447 -26.28 13.97 15.85
C PRO B 447 -26.40 13.53 14.37
N ASN B 448 -25.38 13.82 13.57
CA ASN B 448 -25.41 13.42 12.15
C ASN B 448 -25.08 11.93 12.08
N ALA B 449 -26.07 11.10 12.42
CA ALA B 449 -25.94 9.65 12.47
C ALA B 449 -25.50 8.95 11.19
N VAL B 450 -26.10 9.33 10.07
CA VAL B 450 -25.74 8.68 8.81
C VAL B 450 -24.26 8.84 8.49
N GLU B 451 -23.75 10.07 8.62
CA GLU B 451 -22.34 10.32 8.32
C GLU B 451 -21.45 9.52 9.26
N ALA B 452 -21.83 9.45 10.54
CA ALA B 452 -21.04 8.72 11.52
C ALA B 452 -21.07 7.21 11.24
N TRP B 453 -22.22 6.71 10.80
CA TRP B 453 -22.37 5.29 10.48
C TRP B 453 -21.52 4.95 9.25
N THR B 454 -21.49 5.88 8.30
CA THR B 454 -20.71 5.70 7.09
C THR B 454 -19.21 5.64 7.41
N GLU B 455 -18.74 6.58 8.22
CA GLU B 455 -17.33 6.60 8.58
C GLU B 455 -16.91 5.38 9.38
N TYR B 456 -17.80 4.86 10.22
CA TYR B 456 -17.47 3.67 10.97
C TYR B 456 -17.30 2.49 10.01
N ARG B 457 -18.23 2.34 9.08
CA ARG B 457 -18.17 1.26 8.12
C ARG B 457 -16.94 1.36 7.22
N ARG B 458 -16.52 2.58 6.92
CA ARG B 458 -15.35 2.77 6.07
C ARG B 458 -14.02 2.49 6.78
N THR B 459 -13.91 3.02 8.00
CA THR B 459 -12.68 2.90 8.78
C THR B 459 -12.62 1.84 9.86
N GLY B 460 -13.77 1.54 10.46
CA GLY B 460 -13.81 0.56 11.54
C GLY B 460 -13.74 1.28 12.87
N PHE B 461 -13.73 2.61 12.82
CA PHE B 461 -13.67 3.43 14.04
C PHE B 461 -14.88 4.36 14.17
N PRO B 462 -15.25 4.70 15.42
CA PRO B 462 -14.61 4.26 16.65
C PRO B 462 -15.13 2.87 16.98
N TYR B 463 -14.51 2.19 17.93
CA TYR B 463 -15.02 0.88 18.31
C TYR B 463 -16.40 1.11 18.90
N LEU B 464 -17.34 0.20 18.64
CA LEU B 464 -18.71 0.37 19.11
C LEU B 464 -19.21 -0.68 20.09
N MSE B 465 -20.25 -0.31 20.83
CA MSE B 465 -20.89 -1.22 21.77
C MSE B 465 -21.57 -2.21 20.81
O MSE B 465 -22.17 -1.78 19.82
CB MSE B 465 -21.94 -0.49 22.61
CG MSE B 465 -21.38 0.48 23.64
SE MSE B 465 -20.74 -0.38 25.28
CE MSE B 465 -20.56 1.18 26.40
N LYS B 466 -21.47 -3.49 21.09
CA LYS B 466 -22.08 -4.51 20.23
C LYS B 466 -23.60 -4.54 20.35
N PRO B 467 -24.29 -5.00 19.30
CA PRO B 467 -25.75 -5.04 19.37
C PRO B 467 -26.24 -5.99 20.47
N MSE B 468 -27.29 -5.57 21.18
CA MSE B 468 -27.84 -6.37 22.28
C MSE B 468 -28.66 -7.56 21.77
O MSE B 468 -28.59 -8.65 22.34
CB MSE B 468 -28.72 -5.47 23.15
CG MSE B 468 -29.31 -6.18 24.35
SE MSE B 468 -30.37 -4.99 25.42
CE MSE B 468 -30.97 -6.26 26.76
N ASP B 469 -29.43 -7.34 20.71
CA ASP B 469 -30.26 -8.38 20.11
C ASP B 469 -29.35 -9.32 19.31
N GLU B 470 -29.03 -10.47 19.89
CA GLU B 470 -28.13 -11.43 19.26
C GLU B 470 -28.62 -12.02 17.94
N ALA B 471 -29.91 -11.85 17.65
CA ALA B 471 -30.47 -12.37 16.42
C ALA B 471 -30.37 -11.36 15.28
N ALA B 472 -30.11 -10.10 15.62
CA ALA B 472 -30.02 -9.03 14.64
C ALA B 472 -29.03 -9.28 13.49
N PRO B 473 -27.78 -9.67 13.82
CA PRO B 473 -26.79 -9.93 12.75
C PRO B 473 -27.24 -10.97 11.75
N GLY B 474 -27.89 -12.03 12.24
CA GLY B 474 -28.35 -13.09 11.36
C GLY B 474 -29.39 -12.65 10.36
N ARG B 475 -30.16 -11.61 10.70
CA ARG B 475 -31.19 -11.10 9.80
C ARG B 475 -30.64 -10.51 8.51
N ILE B 476 -29.41 -10.01 8.57
CA ILE B 476 -28.80 -9.43 7.38
C ILE B 476 -27.79 -10.38 6.74
N GLY B 477 -27.68 -11.58 7.30
CA GLY B 477 -26.75 -12.57 6.78
C GLY B 477 -25.34 -12.50 7.31
N ALA B 478 -25.18 -11.99 8.54
CA ALA B 478 -23.86 -11.88 9.13
C ALA B 478 -23.81 -12.40 10.55
N SER B 479 -22.59 -12.57 11.05
CA SER B 479 -22.35 -13.02 12.42
C SER B 479 -21.93 -11.76 13.13
N ILE B 480 -22.17 -11.69 14.44
CA ILE B 480 -21.81 -10.49 15.19
C ILE B 480 -20.30 -10.29 15.18
N GLU B 481 -19.55 -11.35 14.93
CA GLU B 481 -18.09 -11.27 14.89
C GLU B 481 -17.63 -10.42 13.72
N ASP B 482 -18.47 -10.33 12.68
CA ASP B 482 -18.16 -9.55 11.49
C ASP B 482 -18.87 -8.21 11.41
N CYS B 483 -20.10 -8.17 11.95
CA CYS B 483 -20.88 -6.95 11.89
C CYS B 483 -21.50 -6.55 13.22
N ARG B 484 -21.09 -5.39 13.73
CA ARG B 484 -21.67 -4.87 14.96
C ARG B 484 -22.77 -3.90 14.51
N VAL B 485 -22.78 -3.62 13.21
CA VAL B 485 -23.78 -2.75 12.59
C VAL B 485 -23.97 -3.27 11.17
N PRO B 486 -25.12 -3.01 10.54
CA PRO B 486 -25.36 -3.47 9.17
C PRO B 486 -24.37 -2.76 8.25
N GLU B 487 -23.96 -3.40 7.17
CA GLU B 487 -23.02 -2.78 6.24
C GLU B 487 -23.76 -1.84 5.29
N ARG B 488 -25.07 -2.03 5.19
CA ARG B 488 -25.91 -1.21 4.32
C ARG B 488 -27.36 -1.61 4.52
N PHE B 489 -28.26 -0.85 3.90
CA PHE B 489 -29.69 -1.16 3.92
C PHE B 489 -29.81 -1.94 2.60
N ARG B 490 -30.87 -2.71 2.44
CA ARG B 490 -31.07 -3.43 1.20
C ARG B 490 -32.28 -2.78 0.55
N PHE B 491 -32.44 -2.98 -0.75
CA PHE B 491 -33.59 -2.42 -1.46
C PHE B 491 -34.78 -3.32 -1.20
N ALA B 492 -35.99 -2.78 -1.28
CA ALA B 492 -37.17 -3.60 -1.07
C ALA B 492 -37.24 -4.61 -2.22
N PRO B 493 -37.34 -5.91 -1.90
CA PRO B 493 -37.40 -6.91 -2.97
C PRO B 493 -38.47 -6.66 -4.02
N THR B 494 -39.62 -6.13 -3.62
CA THR B 494 -40.71 -5.87 -4.55
C THR B 494 -40.35 -4.76 -5.55
N ALA B 495 -39.41 -3.90 -5.17
CA ALA B 495 -39.00 -2.81 -6.03
C ALA B 495 -38.50 -3.34 -7.38
N TYR B 496 -37.91 -4.53 -7.36
CA TYR B 496 -37.39 -5.14 -8.57
C TYR B 496 -38.48 -5.45 -9.59
N ASN B 497 -39.70 -5.63 -9.10
CA ASN B 497 -40.83 -5.95 -9.97
C ASN B 497 -41.30 -4.73 -10.75
N SER B 498 -40.92 -3.54 -10.29
CA SER B 498 -41.33 -2.29 -10.93
C SER B 498 -40.22 -1.63 -11.76
N ASN B 499 -39.02 -2.21 -11.75
CA ASN B 499 -37.90 -1.68 -12.52
C ASN B 499 -36.92 -2.80 -12.88
N PRO B 500 -36.96 -3.26 -14.13
CA PRO B 500 -36.10 -4.33 -14.66
C PRO B 500 -34.61 -4.06 -14.49
N ASN B 501 -34.24 -2.79 -14.47
CA ASN B 501 -32.85 -2.40 -14.32
C ASN B 501 -32.28 -2.65 -12.93
N MSE B 502 -33.12 -3.07 -12.00
CA MSE B 502 -32.66 -3.32 -10.64
C MSE B 502 -32.04 -4.71 -10.49
O MSE B 502 -31.28 -4.95 -9.56
CB MSE B 502 -33.80 -3.12 -9.64
CG MSE B 502 -34.17 -1.67 -9.42
SE MSE B 502 -35.47 -1.38 -8.00
CE MSE B 502 -34.29 -1.63 -6.48
N ALA B 503 -32.36 -5.62 -11.40
CA ALA B 503 -31.83 -6.97 -11.35
C ALA B 503 -30.30 -6.95 -11.39
N GLU B 504 -29.74 -5.86 -11.90
CA GLU B 504 -28.31 -5.68 -12.00
C GLU B 504 -27.64 -5.30 -10.68
N ILE B 505 -28.44 -4.87 -9.70
CA ILE B 505 -27.90 -4.43 -8.42
C ILE B 505 -26.93 -5.37 -7.72
N PRO B 506 -27.24 -6.67 -7.63
CA PRO B 506 -26.30 -7.58 -6.96
C PRO B 506 -24.92 -7.54 -7.62
N THR B 507 -24.89 -7.47 -8.94
CA THR B 507 -23.63 -7.40 -9.67
C THR B 507 -22.92 -6.10 -9.34
N LEU B 508 -23.68 -5.01 -9.31
CA LEU B 508 -23.10 -3.70 -8.99
C LEU B 508 -22.53 -3.68 -7.57
N LEU B 509 -23.16 -4.42 -6.67
CA LEU B 509 -22.74 -4.50 -5.28
C LEU B 509 -21.54 -5.42 -5.08
N GLY B 510 -21.44 -6.44 -5.93
CA GLY B 510 -20.35 -7.39 -5.79
C GLY B 510 -20.77 -8.39 -4.73
N GLY B 511 -22.07 -8.40 -4.45
CA GLY B 511 -22.61 -9.30 -3.45
C GLY B 511 -24.12 -9.27 -3.46
N GLY B 512 -24.74 -10.04 -2.58
CA GLY B 512 -26.19 -10.07 -2.52
C GLY B 512 -26.77 -8.76 -2.01
N ASP B 513 -28.01 -8.47 -2.37
CA ASP B 513 -28.66 -7.26 -1.91
C ASP B 513 -29.19 -7.52 -0.50
N ILE B 514 -28.26 -7.56 0.45
CA ILE B 514 -28.56 -7.80 1.85
C ILE B 514 -27.73 -6.85 2.71
N GLY B 515 -28.10 -6.69 3.97
CA GLY B 515 -27.38 -5.78 4.85
C GLY B 515 -25.94 -6.13 5.18
N ALA B 516 -25.56 -7.38 4.94
CA ALA B 516 -24.20 -7.85 5.24
C ALA B 516 -23.16 -7.51 4.18
N THR B 517 -23.61 -7.09 2.99
CA THR B 517 -22.70 -6.77 1.90
C THR B 517 -21.97 -5.44 2.06
N LYS B 518 -20.65 -5.50 2.14
CA LYS B 518 -19.82 -4.31 2.32
C LYS B 518 -19.90 -3.38 1.12
N LEU B 519 -19.92 -2.08 1.38
CA LEU B 519 -19.99 -1.11 0.30
C LEU B 519 -18.60 -0.85 -0.28
N TRP B 520 -18.58 -0.20 -1.43
CA TRP B 520 -17.34 0.09 -2.16
C TRP B 520 -16.19 0.75 -1.41
N TRP B 521 -16.48 1.75 -0.58
CA TRP B 521 -15.41 2.45 0.14
C TRP B 521 -14.91 1.84 1.45
N VAL B 522 -15.33 0.62 1.76
CA VAL B 522 -14.87 -0.04 2.99
C VAL B 522 -13.40 -0.42 2.81
N ARG B 523 -12.53 0.10 3.67
CA ARG B 523 -11.12 -0.18 3.53
C ARG B 523 -10.75 -1.64 3.81
N SER B 524 -9.70 -2.10 3.13
CA SER B 524 -9.21 -3.46 3.30
C SER B 524 -8.69 -3.66 4.72
N ASN B 525 -8.81 -4.87 5.23
CA ASN B 525 -8.35 -5.19 6.57
C ASN B 525 -8.88 -4.20 7.61
N ARG B 526 -10.16 -3.87 7.52
CA ARG B 526 -10.79 -2.95 8.47
C ARG B 526 -10.60 -3.54 9.88
N PRO B 527 -10.09 -2.74 10.82
CA PRO B 527 -9.87 -3.17 12.20
C PRO B 527 -11.11 -3.64 12.94
N LYS B 528 -10.90 -4.50 13.93
CA LYS B 528 -11.98 -5.02 14.76
C LYS B 528 -11.44 -4.98 16.19
N GLN B 529 -12.25 -4.47 17.12
CA GLN B 529 -11.83 -4.39 18.52
C GLN B 529 -11.41 -5.77 19.06
N PRO B 530 -10.32 -5.82 19.84
CA PRO B 530 -9.77 -7.04 20.47
C PRO B 530 -10.98 -7.68 21.22
N ASN B 531 -10.97 -8.98 21.54
CA ASN B 531 -12.14 -9.66 22.08
C ASN B 531 -12.84 -9.64 23.47
C1 EDO C . -13.70 23.50 -9.18
O1 EDO C . -13.34 22.41 -8.30
C2 EDO C . -12.49 23.89 -10.06
O2 EDO C . -12.38 22.97 -11.17
#